data_2PID
#
_entry.id   2PID
#
_cell.length_a   54.000
_cell.length_b   62.400
_cell.length_c   194.600
_cell.angle_alpha   90.00
_cell.angle_beta   90.00
_cell.angle_gamma   90.00
#
_symmetry.space_group_name_H-M   'P 21 21 21'
#
loop_
_entity.id
_entity.type
_entity.pdbx_description
1 polymer 'Tyrosyl-tRNA synthetase'
2 non-polymer "5'-O-[N-(L-TYROSYL)SULFAMOYL]ADENOSINE"
3 water water
#
_entity_poly.entity_id   1
_entity_poly.type   'polypeptide(L)'
_entity_poly.pdbx_seq_one_letter_code
;MRGSHSGAQGLLAAQKARGLFKDFFPETGTKIELPELFDRGTASFPQTIYCGFDPTADSLHVGHLLALLGLFHLQRAGHN
VIALVGGATARLGDPSGRTKEREALETERVRANARALRLGLEALAANHQQLFTDGRSWGSFTVLDNSAWYQKQHLVDFLA
AVGGHFRMGTLLSRQSVQLRLKSPEGMSLAEFFYQVLQAYDFYYLFQRYGCRVQLGGSDQLGNIMSGYEFINKLTGEDVF
GITVPLITSTTGAKLGKSAGNAVWLNRDKTSPFELYQFFVRQPDDSVERYLKLFTFLPLPEIDHIMQLHVKEPERRGPQK
RLAAEVTKLVHGREGLDSAKRCTQALYHRSHHHHHH
;
_entity_poly.pdbx_strand_id   A,B
#
# COMPACT_ATOMS: atom_id res chain seq x y z
N GLY A 10 19.85 25.47 -28.25
CA GLY A 10 20.08 24.41 -27.22
C GLY A 10 19.13 23.22 -27.34
N LEU A 11 19.59 22.07 -26.86
CA LEU A 11 18.77 20.85 -26.90
C LEU A 11 17.37 21.10 -26.38
N LEU A 12 17.24 21.44 -25.11
CA LEU A 12 15.94 21.71 -24.51
C LEU A 12 15.21 22.72 -25.36
N ALA A 13 15.93 23.77 -25.74
CA ALA A 13 15.36 24.83 -26.55
C ALA A 13 14.80 24.31 -27.88
N ALA A 14 15.58 23.50 -28.56
CA ALA A 14 15.15 22.94 -29.84
C ALA A 14 13.91 22.08 -29.71
N GLN A 15 13.92 21.16 -28.75
CA GLN A 15 12.78 20.26 -28.57
C GLN A 15 11.53 21.02 -28.18
N LYS A 16 11.72 22.05 -27.37
CA LYS A 16 10.62 22.89 -26.95
C LYS A 16 10.08 23.56 -28.21
N ALA A 17 10.99 24.01 -29.09
CA ALA A 17 10.63 24.66 -30.35
C ALA A 17 9.86 23.71 -31.28
N ARG A 18 10.33 22.47 -31.36
CA ARG A 18 9.66 21.46 -32.19
C ARG A 18 8.28 21.15 -31.64
N GLY A 19 8.14 21.30 -30.32
CA GLY A 19 6.88 21.00 -29.68
C GLY A 19 6.89 19.62 -29.04
N LEU A 20 8.01 18.91 -29.18
CA LEU A 20 8.16 17.57 -28.62
C LEU A 20 8.19 17.63 -27.09
N PHE A 21 8.92 18.59 -26.55
CA PHE A 21 8.97 18.78 -25.12
C PHE A 21 7.91 19.83 -24.86
N LYS A 22 6.84 19.42 -24.19
CA LYS A 22 5.74 20.33 -23.92
C LYS A 22 6.02 21.21 -22.72
N ASP A 23 6.49 20.62 -21.63
CA ASP A 23 6.79 21.41 -20.44
C ASP A 23 7.89 20.80 -19.59
N PHE A 24 8.38 21.60 -18.65
CA PHE A 24 9.43 21.19 -17.73
C PHE A 24 8.95 21.40 -16.30
N PHE A 25 9.32 20.51 -15.38
CA PHE A 25 8.90 20.62 -13.98
C PHE A 25 10.03 20.13 -13.08
N PRO A 26 10.07 20.59 -11.81
CA PRO A 26 9.17 21.52 -11.13
C PRO A 26 9.34 22.93 -11.70
N GLU A 27 8.26 23.71 -11.70
CA GLU A 27 8.30 25.08 -12.21
C GLU A 27 9.33 25.88 -11.41
N THR A 28 9.22 25.82 -10.09
CA THR A 28 10.13 26.51 -9.21
C THR A 28 11.58 26.15 -9.55
N GLY A 29 11.78 24.93 -10.07
CA GLY A 29 13.11 24.47 -10.41
C GLY A 29 13.94 24.36 -9.13
N THR A 30 13.41 24.97 -8.08
CA THR A 30 14.04 25.00 -6.77
C THR A 30 15.51 25.44 -6.88
N LYS A 31 16.41 24.73 -6.22
CA LYS A 31 17.84 25.05 -6.21
C LYS A 31 18.45 25.41 -7.55
N ILE A 32 18.08 24.68 -8.59
CA ILE A 32 18.62 24.91 -9.91
C ILE A 32 17.42 24.98 -10.83
N GLU A 33 17.59 24.56 -12.07
CA GLU A 33 16.51 24.53 -13.04
C GLU A 33 17.08 23.96 -14.33
N LEU A 34 16.44 22.89 -14.76
CA LEU A 34 16.81 22.14 -15.95
C LEU A 34 17.72 22.78 -16.97
N PRO A 35 17.37 23.95 -17.53
CA PRO A 35 18.30 24.48 -18.53
C PRO A 35 19.74 24.41 -18.08
N GLU A 36 19.96 24.56 -16.77
CA GLU A 36 21.31 24.54 -16.22
C GLU A 36 22.02 23.19 -16.30
N LEU A 37 21.36 22.08 -15.99
CA LEU A 37 22.07 20.80 -16.11
C LEU A 37 22.03 20.28 -17.53
N PHE A 38 21.51 21.11 -18.44
CA PHE A 38 21.42 20.75 -19.86
C PHE A 38 21.93 21.90 -20.74
N PRO A 46 27.10 14.51 -18.24
CA PRO A 46 26.15 13.58 -18.88
C PRO A 46 25.02 13.16 -17.93
N GLN A 47 23.82 13.71 -18.13
CA GLN A 47 22.67 13.35 -17.30
C GLN A 47 22.08 12.00 -17.76
N THR A 48 21.20 11.45 -16.94
CA THR A 48 20.55 10.19 -17.27
C THR A 48 19.06 10.47 -17.20
N ILE A 49 18.36 10.15 -18.27
CA ILE A 49 16.93 10.40 -18.35
C ILE A 49 16.19 9.10 -18.60
N TYR A 50 15.05 8.91 -17.95
CA TYR A 50 14.29 7.70 -18.21
C TYR A 50 12.84 7.96 -18.51
N CYS A 51 12.19 6.97 -19.11
CA CYS A 51 10.77 7.05 -19.41
C CYS A 51 10.27 5.60 -19.31
N GLY A 52 9.13 5.43 -18.63
CA GLY A 52 8.56 4.10 -18.48
C GLY A 52 7.51 3.76 -19.51
N PHE A 53 7.38 2.47 -19.80
CA PHE A 53 6.40 1.98 -20.76
C PHE A 53 5.73 0.74 -20.13
N ASP A 54 4.44 0.83 -19.86
CA ASP A 54 3.72 -0.29 -19.27
C ASP A 54 3.27 -1.27 -20.35
N PRO A 55 3.62 -2.55 -20.20
CA PRO A 55 3.25 -3.59 -21.16
C PRO A 55 1.79 -4.06 -21.04
N THR A 56 0.85 -3.17 -21.27
CA THR A 56 -0.55 -3.56 -21.19
C THR A 56 -0.89 -4.32 -22.47
N ALA A 57 -0.08 -4.11 -23.51
CA ALA A 57 -0.23 -4.79 -24.80
C ALA A 57 1.13 -5.41 -25.15
N ASP A 58 1.16 -6.29 -26.13
CA ASP A 58 2.44 -6.91 -26.50
C ASP A 58 3.12 -6.11 -27.61
N SER A 59 2.79 -4.85 -27.71
CA SER A 59 3.39 -4.02 -28.74
C SER A 59 3.24 -2.57 -28.35
N LEU A 60 4.17 -1.73 -28.78
CA LEU A 60 4.05 -0.31 -28.53
C LEU A 60 3.19 0.21 -29.69
N HIS A 61 2.69 1.44 -29.60
CA HIS A 61 1.94 2.01 -30.72
C HIS A 61 2.52 3.39 -30.99
N VAL A 62 2.01 4.03 -32.03
CA VAL A 62 2.47 5.37 -32.45
C VAL A 62 2.54 6.46 -31.38
N GLY A 63 1.66 6.40 -30.39
CA GLY A 63 1.72 7.41 -29.34
C GLY A 63 2.96 7.24 -28.45
N HIS A 64 3.27 6.01 -28.09
CA HIS A 64 4.44 5.70 -27.25
C HIS A 64 5.72 6.16 -27.93
N LEU A 65 5.71 6.16 -29.26
CA LEU A 65 6.86 6.53 -30.07
C LEU A 65 7.35 7.95 -29.80
N LEU A 66 6.38 8.82 -29.52
CA LEU A 66 6.70 10.20 -29.21
C LEU A 66 7.56 10.27 -27.96
N ALA A 67 7.21 9.52 -26.93
CA ALA A 67 8.01 9.51 -25.72
C ALA A 67 9.37 8.88 -26.00
N LEU A 68 9.40 7.82 -26.82
CA LEU A 68 10.67 7.19 -27.13
C LEU A 68 11.56 8.18 -27.90
N LEU A 69 10.95 8.90 -28.84
CA LEU A 69 11.68 9.89 -29.63
C LEU A 69 12.27 10.96 -28.72
N GLY A 70 11.53 11.30 -27.66
CA GLY A 70 12.06 12.27 -26.73
C GLY A 70 13.35 11.74 -26.14
N LEU A 71 13.40 10.43 -25.87
CA LEU A 71 14.60 9.86 -25.30
C LEU A 71 15.72 9.85 -26.33
N PHE A 72 15.39 9.51 -27.58
CA PHE A 72 16.41 9.48 -28.63
C PHE A 72 17.06 10.85 -28.78
N HIS A 73 16.27 11.92 -28.78
CA HIS A 73 16.85 13.24 -28.92
C HIS A 73 17.90 13.53 -27.84
N LEU A 74 17.61 13.13 -26.61
CA LEU A 74 18.52 13.33 -25.49
C LEU A 74 19.77 12.48 -25.63
N GLN A 75 19.60 11.26 -26.13
CA GLN A 75 20.71 10.36 -26.31
C GLN A 75 21.66 10.91 -27.39
N ARG A 76 21.09 11.40 -28.48
CA ARG A 76 21.84 11.95 -29.61
C ARG A 76 22.69 13.12 -29.14
N ALA A 77 22.16 13.89 -28.19
CA ALA A 77 22.88 15.03 -27.64
C ALA A 77 23.96 14.59 -26.64
N GLY A 78 24.14 13.29 -26.46
CA GLY A 78 25.16 12.82 -25.54
C GLY A 78 24.74 12.27 -24.19
N HIS A 79 23.45 12.33 -23.87
CA HIS A 79 22.98 11.82 -22.59
C HIS A 79 22.63 10.32 -22.63
N ASN A 80 22.66 9.69 -21.46
CA ASN A 80 22.35 8.28 -21.30
C ASN A 80 20.87 8.23 -21.02
N VAL A 81 20.15 7.32 -21.69
CA VAL A 81 18.73 7.23 -21.48
C VAL A 81 18.29 5.80 -21.16
N ILE A 82 17.26 5.70 -20.34
CA ILE A 82 16.73 4.41 -19.94
C ILE A 82 15.27 4.29 -20.29
N ALA A 83 14.95 3.22 -21.02
CA ALA A 83 13.59 2.92 -21.41
C ALA A 83 13.20 1.84 -20.42
N LEU A 84 12.29 2.17 -19.51
CA LEU A 84 11.86 1.24 -18.48
C LEU A 84 10.58 0.49 -18.85
N VAL A 85 10.63 -0.84 -18.86
CA VAL A 85 9.45 -1.65 -19.12
C VAL A 85 8.80 -1.86 -17.75
N GLY A 86 7.50 -1.54 -17.64
CA GLY A 86 6.83 -1.72 -16.37
C GLY A 86 6.22 -3.09 -16.10
N GLY A 87 7.05 -4.14 -16.08
CA GLY A 87 6.56 -5.48 -15.83
C GLY A 87 5.83 -5.60 -14.50
N ALA A 88 6.21 -4.82 -13.49
CA ALA A 88 5.53 -4.87 -12.20
C ALA A 88 4.34 -3.90 -12.19
N THR A 89 4.57 -2.67 -12.63
CA THR A 89 3.46 -1.70 -12.63
C THR A 89 2.27 -2.09 -13.53
N ALA A 90 2.52 -2.73 -14.67
CA ALA A 90 1.42 -3.11 -15.55
C ALA A 90 0.47 -4.13 -14.90
N ARG A 91 0.94 -4.81 -13.85
CA ARG A 91 0.10 -5.77 -13.16
C ARG A 91 -0.96 -5.02 -12.35
N LEU A 92 -0.71 -3.74 -12.06
CA LEU A 92 -1.63 -2.94 -11.27
C LEU A 92 -2.51 -2.06 -12.18
N GLY A 93 -1.88 -1.38 -13.13
CA GLY A 93 -2.62 -0.53 -14.04
C GLY A 93 -2.61 0.94 -13.66
N ASP A 94 -2.07 1.78 -14.55
CA ASP A 94 -2.00 3.22 -14.33
C ASP A 94 -3.41 3.82 -14.49
N PRO A 95 -3.92 4.51 -13.46
CA PRO A 95 -5.25 5.11 -13.55
C PRO A 95 -5.23 6.50 -14.17
N SER A 96 -4.04 7.05 -14.34
CA SER A 96 -3.89 8.38 -14.92
C SER A 96 -4.70 8.58 -16.19
N GLY A 97 -5.53 9.62 -16.19
CA GLY A 97 -6.34 9.92 -17.37
C GLY A 97 -7.44 8.94 -17.70
N ARG A 98 -7.67 7.96 -16.84
CA ARG A 98 -8.73 6.97 -17.11
C ARG A 98 -10.02 7.22 -16.32
N THR A 99 -11.14 6.98 -16.99
CA THR A 99 -12.48 7.13 -16.42
C THR A 99 -12.87 5.85 -15.70
N LYS A 100 -12.64 4.73 -16.38
CA LYS A 100 -12.98 3.43 -15.86
C LYS A 100 -11.79 2.62 -15.39
N GLU A 101 -12.04 1.71 -14.47
CA GLU A 101 -11.00 0.84 -13.95
C GLU A 101 -10.63 -0.13 -15.09
N ARG A 102 -9.36 -0.49 -15.19
CA ARG A 102 -8.91 -1.41 -16.24
C ARG A 102 -9.36 -2.86 -15.99
N GLU A 103 -9.55 -3.60 -17.08
CA GLU A 103 -9.91 -5.01 -16.98
C GLU A 103 -8.65 -5.64 -16.37
N ALA A 104 -8.81 -6.50 -15.36
CA ALA A 104 -7.64 -7.13 -14.75
C ALA A 104 -6.85 -7.96 -15.75
N LEU A 105 -5.53 -7.84 -15.71
CA LEU A 105 -4.64 -8.58 -16.62
C LEU A 105 -3.94 -9.73 -15.92
N GLU A 106 -3.96 -10.90 -16.56
CA GLU A 106 -3.30 -12.06 -15.98
C GLU A 106 -1.79 -11.77 -15.89
N THR A 107 -1.21 -12.11 -14.76
CA THR A 107 0.21 -11.89 -14.52
C THR A 107 1.08 -12.50 -15.64
N GLU A 108 0.68 -13.69 -16.09
CA GLU A 108 1.38 -14.43 -17.14
C GLU A 108 1.37 -13.63 -18.44
N ARG A 109 0.24 -13.01 -18.74
CA ARG A 109 0.09 -12.23 -19.94
C ARG A 109 0.95 -10.97 -19.81
N VAL A 110 0.96 -10.39 -18.61
CA VAL A 110 1.76 -9.19 -18.37
C VAL A 110 3.25 -9.44 -18.57
N ARG A 111 3.74 -10.58 -18.11
CA ARG A 111 5.15 -10.91 -18.25
C ARG A 111 5.48 -11.23 -19.70
N ALA A 112 4.53 -11.81 -20.43
CA ALA A 112 4.76 -12.11 -21.84
C ALA A 112 4.84 -10.78 -22.60
N ASN A 113 3.93 -9.85 -22.31
CA ASN A 113 3.94 -8.53 -22.97
C ASN A 113 5.27 -7.82 -22.65
N ALA A 114 5.72 -7.96 -21.42
CA ALA A 114 6.95 -7.32 -20.96
C ALA A 114 8.16 -7.79 -21.76
N ARG A 115 8.22 -9.10 -22.02
CA ARG A 115 9.32 -9.65 -22.79
C ARG A 115 9.26 -9.09 -24.20
N ALA A 116 8.04 -9.00 -24.74
CA ALA A 116 7.85 -8.46 -26.08
C ALA A 116 8.20 -6.95 -26.14
N LEU A 117 7.85 -6.20 -25.11
CA LEU A 117 8.17 -4.78 -25.11
C LEU A 117 9.68 -4.56 -25.07
N ARG A 118 10.37 -5.36 -24.27
CA ARG A 118 11.82 -5.23 -24.17
C ARG A 118 12.46 -5.40 -25.55
N LEU A 119 12.00 -6.40 -26.29
CA LEU A 119 12.53 -6.66 -27.61
C LEU A 119 12.14 -5.54 -28.56
N GLY A 120 10.93 -5.01 -28.40
CA GLY A 120 10.45 -3.93 -29.23
C GLY A 120 11.25 -2.64 -29.06
N LEU A 121 11.58 -2.33 -27.82
CA LEU A 121 12.34 -1.14 -27.55
C LEU A 121 13.76 -1.31 -28.10
N GLU A 122 14.37 -2.48 -27.93
CA GLU A 122 15.72 -2.68 -28.45
C GLU A 122 15.77 -2.62 -29.98
N ALA A 123 14.75 -3.19 -30.64
CA ALA A 123 14.73 -3.16 -32.10
C ALA A 123 14.67 -1.70 -32.59
N LEU A 124 13.86 -0.88 -31.92
CA LEU A 124 13.73 0.52 -32.32
C LEU A 124 15.08 1.26 -32.15
N ALA A 125 15.70 1.09 -30.99
CA ALA A 125 16.98 1.72 -30.72
C ALA A 125 18.02 1.22 -31.74
N ALA A 126 17.88 -0.03 -32.18
CA ALA A 126 18.81 -0.57 -33.19
C ALA A 126 18.62 0.19 -34.50
N ASN A 127 17.36 0.37 -34.94
CA ASN A 127 17.08 1.09 -36.17
C ASN A 127 17.57 2.53 -36.05
N HIS A 128 17.30 3.14 -34.91
CA HIS A 128 17.74 4.50 -34.66
C HIS A 128 19.24 4.57 -34.91
N GLN A 129 20.00 3.79 -34.15
CA GLN A 129 21.45 3.80 -34.27
C GLN A 129 21.98 3.51 -35.67
N GLN A 130 21.34 2.59 -36.40
CA GLN A 130 21.85 2.26 -37.73
C GLN A 130 21.40 3.10 -38.92
N LEU A 131 20.21 3.70 -38.83
CA LEU A 131 19.71 4.47 -39.95
C LEU A 131 19.63 5.97 -39.74
N PHE A 132 19.89 6.43 -38.51
CA PHE A 132 19.80 7.85 -38.23
C PHE A 132 21.04 8.41 -37.53
N THR A 133 22.19 7.83 -37.85
CA THR A 133 23.46 8.29 -37.29
C THR A 133 23.70 9.71 -37.77
N ASP A 134 24.46 10.48 -37.01
CA ASP A 134 24.77 11.85 -37.42
C ASP A 134 26.21 12.15 -37.08
N GLY A 135 26.98 11.09 -36.83
CA GLY A 135 28.38 11.26 -36.49
C GLY A 135 28.67 11.86 -35.13
N ARG A 136 27.64 12.24 -34.38
CA ARG A 136 27.87 12.80 -33.04
C ARG A 136 28.12 11.62 -32.11
N SER A 137 28.68 11.89 -30.95
CA SER A 137 28.94 10.84 -29.98
C SER A 137 27.70 10.76 -29.09
N TRP A 138 26.97 9.67 -29.20
CA TRP A 138 25.73 9.49 -28.45
C TRP A 138 25.95 8.86 -27.09
N GLY A 139 24.99 9.07 -26.21
CA GLY A 139 25.08 8.43 -24.91
C GLY A 139 24.57 7.01 -25.11
N SER A 140 24.36 6.29 -24.02
CA SER A 140 23.86 4.93 -24.11
C SER A 140 22.33 4.87 -24.07
N PHE A 141 21.80 3.74 -24.48
CA PHE A 141 20.36 3.46 -24.47
C PHE A 141 20.22 2.11 -23.75
N THR A 142 19.50 2.10 -22.63
CA THR A 142 19.34 0.87 -21.87
C THR A 142 17.88 0.59 -21.58
N VAL A 143 17.49 -0.68 -21.71
CA VAL A 143 16.14 -1.11 -21.43
C VAL A 143 16.17 -1.85 -20.11
N LEU A 144 15.38 -1.41 -19.15
CA LEU A 144 15.29 -2.10 -17.85
C LEU A 144 13.84 -2.52 -17.62
N ASP A 145 13.60 -3.33 -16.59
CA ASP A 145 12.25 -3.78 -16.29
C ASP A 145 12.08 -3.60 -14.79
N ASN A 146 11.08 -2.85 -14.35
CA ASN A 146 10.99 -2.63 -12.90
C ASN A 146 10.69 -3.87 -12.09
N SER A 147 10.27 -4.96 -12.74
CA SER A 147 10.00 -6.17 -12.00
C SER A 147 11.32 -6.70 -11.42
N ALA A 148 12.44 -6.26 -11.96
CA ALA A 148 13.75 -6.71 -11.46
C ALA A 148 13.91 -6.34 -10.01
N TRP A 149 13.51 -5.12 -9.64
CA TRP A 149 13.69 -4.75 -8.25
C TRP A 149 12.43 -5.06 -7.41
N TYR A 150 11.26 -5.14 -8.04
CA TYR A 150 10.07 -5.43 -7.23
C TYR A 150 9.94 -6.87 -6.77
N GLN A 151 10.51 -7.79 -7.55
CA GLN A 151 10.49 -9.19 -7.19
C GLN A 151 11.32 -9.47 -5.94
N LYS A 152 12.07 -8.48 -5.48
CA LYS A 152 12.89 -8.63 -4.29
C LYS A 152 12.32 -7.77 -3.17
N GLN A 153 11.25 -7.04 -3.47
CA GLN A 153 10.63 -6.17 -2.49
C GLN A 153 9.50 -6.83 -1.73
N HIS A 154 9.66 -6.98 -0.41
CA HIS A 154 8.59 -7.57 0.38
C HIS A 154 7.64 -6.45 0.81
N LEU A 155 6.37 -6.79 0.96
CA LEU A 155 5.34 -5.85 1.34
C LEU A 155 5.70 -4.89 2.47
N VAL A 156 5.87 -5.46 3.65
CA VAL A 156 6.14 -4.69 4.85
C VAL A 156 7.49 -4.01 4.88
N ASP A 157 8.49 -4.64 4.28
CA ASP A 157 9.80 -4.01 4.23
C ASP A 157 9.69 -2.69 3.45
N PHE A 158 8.97 -2.74 2.34
CA PHE A 158 8.79 -1.56 1.50
C PHE A 158 8.02 -0.48 2.25
N LEU A 159 6.90 -0.87 2.87
CA LEU A 159 6.09 0.11 3.59
C LEU A 159 6.81 0.71 4.78
N ALA A 160 7.70 -0.08 5.39
CA ALA A 160 8.47 0.39 6.55
C ALA A 160 9.60 1.31 6.10
N ALA A 161 10.15 1.07 4.92
CA ALA A 161 11.23 1.91 4.46
C ALA A 161 10.78 3.25 3.91
N VAL A 162 9.81 3.22 3.00
CA VAL A 162 9.38 4.44 2.36
C VAL A 162 7.97 4.93 2.63
N GLY A 163 7.17 4.11 3.29
CA GLY A 163 5.79 4.47 3.59
C GLY A 163 5.63 5.77 4.37
N GLY A 164 6.52 6.03 5.31
CA GLY A 164 6.43 7.26 6.07
C GLY A 164 6.80 8.48 5.26
N HIS A 165 7.41 8.30 4.10
CA HIS A 165 7.80 9.45 3.27
C HIS A 165 6.76 9.91 2.27
N PHE A 166 5.59 9.30 2.28
CA PHE A 166 4.52 9.74 1.39
C PHE A 166 3.39 10.27 2.25
N ARG A 167 2.83 11.40 1.83
CA ARG A 167 1.72 12.05 2.53
C ARG A 167 0.42 11.74 1.83
N MET A 168 -0.56 11.25 2.57
CA MET A 168 -1.85 10.93 1.96
C MET A 168 -2.44 12.15 1.30
N GLY A 169 -2.27 13.30 1.94
CA GLY A 169 -2.79 14.54 1.40
C GLY A 169 -2.32 14.82 -0.01
N THR A 170 -1.04 14.60 -0.26
CA THR A 170 -0.48 14.83 -1.57
C THR A 170 -0.95 13.75 -2.56
N LEU A 171 -0.90 12.49 -2.13
CA LEU A 171 -1.33 11.37 -2.97
C LEU A 171 -2.79 11.54 -3.43
N LEU A 172 -3.67 11.85 -2.49
CA LEU A 172 -5.09 12.05 -2.76
C LEU A 172 -5.39 13.29 -3.63
N SER A 173 -4.47 14.25 -3.66
CA SER A 173 -4.72 15.46 -4.42
C SER A 173 -4.12 15.49 -5.82
N ARG A 174 -3.33 14.49 -6.22
CA ARG A 174 -2.77 14.53 -7.58
C ARG A 174 -3.92 14.63 -8.57
N GLN A 175 -3.77 15.49 -9.56
CA GLN A 175 -4.77 15.70 -10.59
C GLN A 175 -5.00 14.43 -11.41
N SER A 176 -3.91 13.75 -11.74
CA SER A 176 -3.93 12.54 -12.54
C SER A 176 -4.78 11.43 -11.93
N VAL A 177 -5.00 11.48 -10.62
CA VAL A 177 -5.76 10.43 -9.96
C VAL A 177 -7.22 10.79 -9.70
N GLN A 178 -7.58 12.06 -9.92
CA GLN A 178 -8.96 12.50 -9.66
C GLN A 178 -10.05 11.81 -10.48
N LEU A 179 -9.78 11.53 -11.76
CA LEU A 179 -10.78 10.90 -12.62
C LEU A 179 -11.34 9.60 -12.08
N ARG A 180 -10.47 8.80 -11.48
CA ARG A 180 -10.86 7.52 -10.92
C ARG A 180 -11.26 7.68 -9.46
N LEU A 181 -10.47 8.45 -8.72
CA LEU A 181 -10.75 8.64 -7.30
C LEU A 181 -12.14 9.21 -7.08
N LYS A 182 -12.53 10.15 -7.93
CA LYS A 182 -13.81 10.84 -7.80
C LYS A 182 -14.94 10.20 -8.59
N SER A 183 -14.70 9.02 -9.13
CA SER A 183 -15.75 8.38 -9.88
C SER A 183 -16.79 7.84 -8.89
N PRO A 184 -18.02 7.61 -9.36
CA PRO A 184 -19.12 7.09 -8.54
C PRO A 184 -18.80 5.73 -7.91
N GLU A 185 -18.00 4.92 -8.60
CA GLU A 185 -17.65 3.58 -8.10
C GLU A 185 -16.34 3.55 -7.31
N GLY A 186 -15.63 4.68 -7.26
CA GLY A 186 -14.39 4.73 -6.52
C GLY A 186 -13.23 4.00 -7.19
N MET A 187 -12.03 4.26 -6.68
CA MET A 187 -10.86 3.60 -7.24
C MET A 187 -10.37 2.54 -6.25
N SER A 188 -9.61 1.57 -6.75
CA SER A 188 -9.11 0.52 -5.87
C SER A 188 -7.82 0.96 -5.22
N LEU A 189 -7.45 0.24 -4.18
CA LEU A 189 -6.20 0.51 -3.48
C LEU A 189 -5.03 0.30 -4.45
N ALA A 190 -5.14 -0.69 -5.33
CA ALA A 190 -4.08 -0.94 -6.31
C ALA A 190 -3.89 0.27 -7.23
N GLU A 191 -4.99 0.78 -7.78
CA GLU A 191 -4.93 1.96 -8.67
C GLU A 191 -4.28 3.13 -7.92
N PHE A 192 -4.67 3.30 -6.66
CA PHE A 192 -4.15 4.38 -5.84
C PHE A 192 -2.66 4.23 -5.58
N PHE A 193 -2.21 2.99 -5.37
CA PHE A 193 -0.80 2.74 -5.05
C PHE A 193 0.12 2.85 -6.25
N TYR A 194 -0.46 2.85 -7.44
CA TYR A 194 0.34 2.90 -8.64
C TYR A 194 1.36 4.02 -8.65
N GLN A 195 0.92 5.24 -8.35
CA GLN A 195 1.82 6.37 -8.33
C GLN A 195 3.01 6.20 -7.36
N VAL A 196 2.83 5.38 -6.33
CA VAL A 196 3.89 5.13 -5.35
C VAL A 196 5.01 4.30 -5.98
N LEU A 197 4.60 3.34 -6.78
CA LEU A 197 5.55 2.49 -7.46
C LEU A 197 6.34 3.30 -8.49
N GLN A 198 5.65 4.15 -9.25
CA GLN A 198 6.35 4.94 -10.26
C GLN A 198 7.28 5.94 -9.58
N ALA A 199 6.86 6.44 -8.43
CA ALA A 199 7.68 7.39 -7.68
C ALA A 199 8.91 6.63 -7.19
N TYR A 200 8.69 5.39 -6.75
CA TYR A 200 9.81 4.61 -6.25
C TYR A 200 10.79 4.32 -7.37
N ASP A 201 10.27 4.01 -8.56
CA ASP A 201 11.11 3.70 -9.71
C ASP A 201 12.08 4.82 -9.97
N PHE A 202 11.56 6.03 -9.95
CA PHE A 202 12.36 7.22 -10.18
C PHE A 202 13.46 7.28 -9.12
N TYR A 203 13.06 7.11 -7.86
CA TYR A 203 14.01 7.14 -6.76
C TYR A 203 15.08 6.07 -6.91
N TYR A 204 14.67 4.88 -7.31
CA TYR A 204 15.59 3.77 -7.49
C TYR A 204 16.60 4.04 -8.57
N LEU A 205 16.14 4.61 -9.68
CA LEU A 205 17.03 4.89 -10.80
C LEU A 205 17.96 6.04 -10.45
N PHE A 206 17.45 6.99 -9.68
CA PHE A 206 18.23 8.12 -9.25
C PHE A 206 19.40 7.58 -8.41
N GLN A 207 19.11 6.67 -7.50
CA GLN A 207 20.14 6.11 -6.61
C GLN A 207 21.12 5.16 -7.29
N ARG A 208 20.66 4.42 -8.28
CA ARG A 208 21.57 3.47 -8.91
C ARG A 208 22.24 3.97 -10.18
N TYR A 209 21.69 5.00 -10.80
CA TYR A 209 22.26 5.50 -12.05
C TYR A 209 22.42 7.01 -12.13
N GLY A 210 22.02 7.70 -11.08
CA GLY A 210 22.16 9.15 -11.12
C GLY A 210 21.05 9.77 -11.93
N CYS A 211 20.07 8.96 -12.33
CA CYS A 211 18.97 9.50 -13.12
C CYS A 211 18.30 10.66 -12.39
N ARG A 212 18.26 11.84 -13.03
CA ARG A 212 17.66 13.00 -12.39
C ARG A 212 16.53 13.54 -13.22
N VAL A 213 16.22 12.87 -14.32
CA VAL A 213 15.14 13.34 -15.16
C VAL A 213 14.25 12.21 -15.63
N GLN A 214 12.94 12.47 -15.63
CA GLN A 214 12.00 11.47 -16.10
C GLN A 214 11.12 12.12 -17.13
N LEU A 215 10.97 11.46 -18.27
CA LEU A 215 10.16 11.97 -19.35
C LEU A 215 8.93 11.10 -19.53
N GLY A 216 7.82 11.71 -19.95
CA GLY A 216 6.60 10.98 -20.20
C GLY A 216 5.58 11.89 -20.87
N GLY A 217 4.44 11.32 -21.28
CA GLY A 217 3.39 12.11 -21.90
C GLY A 217 2.77 13.00 -20.83
N SER A 218 2.03 14.02 -21.23
CA SER A 218 1.45 14.91 -20.23
C SER A 218 0.53 14.22 -19.21
N ASP A 219 -0.05 13.07 -19.55
CA ASP A 219 -0.90 12.35 -18.60
C ASP A 219 -0.13 11.74 -17.45
N GLN A 220 1.20 11.75 -17.60
CA GLN A 220 2.13 11.21 -16.60
C GLN A 220 2.67 12.24 -15.63
N LEU A 221 2.27 13.50 -15.81
CA LEU A 221 2.76 14.57 -14.94
C LEU A 221 2.61 14.24 -13.45
N GLY A 222 1.41 13.84 -13.06
CA GLY A 222 1.17 13.48 -11.67
C GLY A 222 2.13 12.44 -11.12
N ASN A 223 2.24 11.32 -11.82
CA ASN A 223 3.15 10.26 -11.40
C ASN A 223 4.59 10.76 -11.32
N ILE A 224 4.97 11.61 -12.28
CA ILE A 224 6.33 12.15 -12.30
C ILE A 224 6.53 13.10 -11.13
N MET A 225 5.53 13.94 -10.89
CA MET A 225 5.58 14.89 -9.77
C MET A 225 5.79 14.14 -8.45
N SER A 226 5.00 13.10 -8.18
CA SER A 226 5.16 12.37 -6.92
C SER A 226 6.58 11.80 -6.85
N GLY A 227 7.17 11.54 -8.02
CA GLY A 227 8.52 11.00 -8.03
C GLY A 227 9.59 12.03 -7.64
N TYR A 228 9.57 13.22 -8.23
CA TYR A 228 10.59 14.19 -7.86
C TYR A 228 10.34 14.78 -6.48
N GLU A 229 9.08 14.80 -6.06
CA GLU A 229 8.74 15.28 -4.73
C GLU A 229 9.23 14.23 -3.73
N PHE A 230 9.05 12.96 -4.06
CA PHE A 230 9.50 11.89 -3.18
C PHE A 230 11.00 11.98 -2.98
N ILE A 231 11.74 12.08 -4.08
CA ILE A 231 13.19 12.13 -4.03
C ILE A 231 13.73 13.37 -3.33
N ASN A 232 13.03 14.50 -3.46
CA ASN A 232 13.51 15.71 -2.82
C ASN A 232 13.23 15.65 -1.33
N LYS A 233 12.32 14.76 -0.95
CA LYS A 233 11.95 14.60 0.44
C LYS A 233 12.96 13.72 1.20
N LEU A 234 13.50 12.69 0.54
CA LEU A 234 14.48 11.81 1.18
C LEU A 234 15.87 12.42 1.11
N THR A 235 16.16 13.09 0.00
CA THR A 235 17.44 13.73 -0.20
C THR A 235 17.13 15.14 -0.67
N GLY A 236 17.93 16.10 -0.26
CA GLY A 236 17.68 17.47 -0.68
C GLY A 236 18.09 17.61 -2.13
N GLU A 237 18.13 16.49 -2.84
CA GLU A 237 18.53 16.53 -4.23
C GLU A 237 17.39 17.04 -5.09
N ASP A 238 17.75 17.57 -6.25
CA ASP A 238 16.76 18.10 -7.18
C ASP A 238 16.76 17.19 -8.41
N VAL A 239 15.57 16.86 -8.89
CA VAL A 239 15.43 16.03 -10.09
C VAL A 239 14.27 16.62 -10.86
N PHE A 240 14.14 16.30 -12.15
CA PHE A 240 13.06 16.91 -12.91
C PHE A 240 12.22 16.00 -13.78
N GLY A 241 11.19 16.59 -14.35
CA GLY A 241 10.31 15.87 -15.25
C GLY A 241 10.12 16.65 -16.53
N ILE A 242 9.92 15.94 -17.63
CA ILE A 242 9.67 16.56 -18.90
C ILE A 242 8.48 15.84 -19.48
N THR A 243 7.52 16.57 -20.03
CA THR A 243 6.37 15.94 -20.64
C THR A 243 6.40 16.16 -22.14
N VAL A 244 5.76 15.26 -22.88
CA VAL A 244 5.66 15.39 -24.32
C VAL A 244 4.16 15.51 -24.56
N PRO A 245 3.77 16.14 -25.67
CA PRO A 245 2.35 16.29 -25.95
C PRO A 245 1.68 14.98 -26.29
N LEU A 246 0.40 14.88 -25.99
CA LEU A 246 -0.38 13.70 -26.29
C LEU A 246 -0.96 13.90 -27.67
N ILE A 247 -0.74 12.96 -28.59
CA ILE A 247 -1.30 13.12 -29.92
C ILE A 247 -2.56 12.28 -30.03
N THR A 248 -3.63 12.87 -30.53
CA THR A 248 -4.87 12.13 -30.64
C THR A 248 -5.51 12.25 -32.01
N ALA A 262 -4.55 2.53 -32.04
CA ALA A 262 -4.80 1.46 -32.98
C ALA A 262 -3.65 1.31 -33.97
N VAL A 263 -2.70 2.24 -34.02
CA VAL A 263 -1.59 2.07 -34.97
C VAL A 263 -0.34 1.54 -34.25
N TRP A 264 -0.17 0.22 -34.32
CA TRP A 264 0.93 -0.44 -33.65
C TRP A 264 2.25 -0.43 -34.37
N LEU A 265 3.30 -0.63 -33.58
CA LEU A 265 4.66 -0.66 -34.07
C LEU A 265 5.13 -2.07 -34.46
N ASN A 266 4.42 -3.10 -34.00
CA ASN A 266 4.83 -4.46 -34.32
C ASN A 266 4.21 -4.88 -35.65
N ARG A 267 5.05 -5.37 -36.57
CA ARG A 267 4.58 -5.80 -37.88
C ARG A 267 3.45 -6.80 -37.91
N ASP A 268 3.26 -7.55 -36.82
CA ASP A 268 2.22 -8.57 -36.76
C ASP A 268 0.87 -8.03 -36.33
N LYS A 269 0.77 -6.71 -36.21
CA LYS A 269 -0.48 -6.07 -35.83
C LYS A 269 -0.73 -4.92 -36.80
N THR A 270 0.35 -4.27 -37.21
CA THR A 270 0.28 -3.15 -38.14
C THR A 270 1.48 -3.32 -39.07
N SER A 271 1.23 -3.72 -40.32
CA SER A 271 2.33 -3.93 -41.27
C SER A 271 2.99 -2.61 -41.60
N PRO A 272 4.21 -2.65 -42.13
CA PRO A 272 4.92 -1.42 -42.47
C PRO A 272 4.06 -0.57 -43.42
N PHE A 273 3.34 -1.23 -44.32
CA PHE A 273 2.48 -0.56 -45.30
C PHE A 273 1.35 0.20 -44.62
N GLU A 274 0.73 -0.41 -43.61
CA GLU A 274 -0.34 0.28 -42.88
C GLU A 274 0.21 1.41 -42.01
N LEU A 275 1.39 1.22 -41.42
CA LEU A 275 1.97 2.27 -40.58
C LEU A 275 2.32 3.46 -41.48
N TYR A 276 2.84 3.12 -42.65
CA TYR A 276 3.24 4.11 -43.65
C TYR A 276 2.03 4.87 -44.16
N GLN A 277 0.95 4.15 -44.46
CA GLN A 277 -0.26 4.79 -44.95
C GLN A 277 -0.88 5.74 -43.91
N PHE A 278 -0.81 5.38 -42.63
CA PHE A 278 -1.36 6.21 -41.57
C PHE A 278 -0.71 7.59 -41.58
N PHE A 279 0.61 7.61 -41.77
CA PHE A 279 1.34 8.86 -41.79
C PHE A 279 1.23 9.58 -43.12
N VAL A 280 1.21 8.83 -44.21
CA VAL A 280 1.15 9.42 -45.53
C VAL A 280 -0.20 10.07 -45.82
N ARG A 281 -1.23 9.68 -45.07
CA ARG A 281 -2.56 10.24 -45.26
C ARG A 281 -2.90 11.36 -44.28
N GLN A 282 -1.89 11.88 -43.58
CA GLN A 282 -2.12 12.97 -42.63
C GLN A 282 -2.56 14.23 -43.39
N PRO A 283 -3.46 15.02 -42.80
CA PRO A 283 -3.97 16.27 -43.41
C PRO A 283 -2.92 17.36 -43.50
N ASP A 284 -3.00 18.18 -44.53
CA ASP A 284 -2.06 19.28 -44.72
C ASP A 284 -1.94 20.16 -43.50
N ASP A 285 -3.02 20.29 -42.74
CA ASP A 285 -3.00 21.14 -41.56
C ASP A 285 -2.20 20.56 -40.41
N SER A 286 -2.00 19.24 -40.40
CA SER A 286 -1.25 18.58 -39.34
C SER A 286 0.15 18.15 -39.74
N VAL A 287 0.31 17.84 -41.02
CA VAL A 287 1.57 17.36 -41.53
C VAL A 287 2.85 18.06 -41.05
N GLU A 288 2.83 19.38 -40.89
CA GLU A 288 4.04 20.05 -40.44
C GLU A 288 4.35 19.77 -38.97
N ARG A 289 3.32 19.78 -38.13
CA ARG A 289 3.55 19.50 -36.71
C ARG A 289 4.09 18.07 -36.56
N TYR A 290 3.56 17.14 -37.36
CA TYR A 290 4.01 15.76 -37.28
C TYR A 290 5.47 15.60 -37.69
N LEU A 291 5.89 16.33 -38.72
CA LEU A 291 7.29 16.27 -39.16
C LEU A 291 8.21 16.69 -38.02
N LYS A 292 7.80 17.72 -37.28
CA LYS A 292 8.60 18.22 -36.16
C LYS A 292 8.66 17.22 -35.01
N LEU A 293 7.50 16.70 -34.66
CA LEU A 293 7.37 15.75 -33.55
C LEU A 293 7.93 14.34 -33.79
N PHE A 294 7.66 13.79 -34.97
CA PHE A 294 8.08 12.44 -35.29
C PHE A 294 9.35 12.18 -36.06
N THR A 295 10.05 13.22 -36.50
CA THR A 295 11.27 12.97 -37.25
C THR A 295 12.45 13.72 -36.64
N PHE A 296 13.66 13.47 -37.15
CA PHE A 296 14.87 14.14 -36.69
C PHE A 296 15.26 15.23 -37.68
N LEU A 297 14.42 15.43 -38.70
CA LEU A 297 14.70 16.43 -39.71
C LEU A 297 14.86 17.84 -39.12
N PRO A 298 15.96 18.54 -39.45
CA PRO A 298 16.23 19.89 -38.96
C PRO A 298 15.07 20.84 -39.30
N LEU A 299 14.77 21.78 -38.41
CA LEU A 299 13.70 22.74 -38.65
C LEU A 299 13.85 23.44 -40.00
N PRO A 300 15.07 23.90 -40.32
CA PRO A 300 15.22 24.56 -41.63
C PRO A 300 14.84 23.65 -42.80
N GLU A 301 15.04 22.34 -42.66
CA GLU A 301 14.66 21.45 -43.76
C GLU A 301 13.13 21.28 -43.81
N ILE A 302 12.48 21.29 -42.65
CA ILE A 302 11.02 21.16 -42.61
C ILE A 302 10.40 22.39 -43.28
N ASP A 303 10.98 23.57 -43.02
CA ASP A 303 10.53 24.83 -43.63
C ASP A 303 10.56 24.64 -45.14
N HIS A 304 11.68 24.16 -45.65
CA HIS A 304 11.83 23.92 -47.08
C HIS A 304 10.79 22.96 -47.65
N ILE A 305 10.57 21.85 -46.96
CA ILE A 305 9.59 20.87 -47.42
C ILE A 305 8.19 21.49 -47.47
N MET A 306 7.90 22.37 -46.50
CA MET A 306 6.59 23.00 -46.45
C MET A 306 6.46 24.06 -47.56
N GLN A 307 7.47 24.92 -47.72
CA GLN A 307 7.38 25.93 -48.78
C GLN A 307 7.31 25.24 -50.13
N LEU A 308 8.06 24.15 -50.29
CA LEU A 308 8.04 23.42 -51.56
C LEU A 308 6.64 22.86 -51.78
N HIS A 309 5.94 22.59 -50.69
CA HIS A 309 4.61 22.02 -50.79
C HIS A 309 3.58 22.99 -51.36
N VAL A 310 3.64 24.24 -50.90
CA VAL A 310 2.73 25.26 -51.39
C VAL A 310 2.84 25.27 -52.90
N LYS A 311 4.07 25.16 -53.38
CA LYS A 311 4.36 25.18 -54.81
C LYS A 311 3.96 23.89 -55.55
N GLU A 312 3.84 22.76 -54.85
CA GLU A 312 3.48 21.49 -55.49
C GLU A 312 2.56 20.60 -54.65
N PRO A 313 1.37 21.10 -54.29
CA PRO A 313 0.46 20.29 -53.48
C PRO A 313 0.30 18.83 -53.95
N GLU A 314 0.29 18.64 -55.28
CA GLU A 314 0.12 17.34 -55.91
C GLU A 314 1.11 16.25 -55.52
N ARG A 315 2.34 16.64 -55.21
CA ARG A 315 3.35 15.66 -54.86
C ARG A 315 3.22 15.08 -53.46
N ARG A 316 2.50 15.77 -52.59
CA ARG A 316 2.35 15.31 -51.21
C ARG A 316 3.72 15.11 -50.58
N GLY A 317 4.64 16.01 -50.89
CA GLY A 317 5.98 15.92 -50.36
C GLY A 317 6.06 15.81 -48.85
N PRO A 318 5.43 16.72 -48.10
CA PRO A 318 5.49 16.64 -46.64
C PRO A 318 5.07 15.28 -46.11
N GLN A 319 3.92 14.80 -46.59
CA GLN A 319 3.41 13.51 -46.17
C GLN A 319 4.31 12.35 -46.56
N LYS A 320 4.89 12.40 -47.76
CA LYS A 320 5.77 11.34 -48.22
C LYS A 320 7.04 11.33 -47.36
N ARG A 321 7.53 12.50 -47.01
CA ARG A 321 8.72 12.55 -46.20
C ARG A 321 8.42 12.06 -44.75
N LEU A 322 7.27 12.44 -44.21
CA LEU A 322 6.90 12.04 -42.86
C LEU A 322 6.77 10.52 -42.77
N ALA A 323 6.05 9.94 -43.73
CA ALA A 323 5.85 8.50 -43.76
C ALA A 323 7.18 7.72 -43.86
N ALA A 324 8.07 8.18 -44.73
CA ALA A 324 9.35 7.51 -44.92
C ALA A 324 10.22 7.49 -43.67
N GLU A 325 10.35 8.63 -43.01
CA GLU A 325 11.18 8.75 -41.81
C GLU A 325 10.70 7.85 -40.68
N VAL A 326 9.40 7.87 -40.42
CA VAL A 326 8.84 7.07 -39.32
C VAL A 326 8.88 5.57 -39.60
N THR A 327 8.53 5.19 -40.83
CA THR A 327 8.53 3.80 -41.21
C THR A 327 9.95 3.22 -41.16
N LYS A 328 10.94 4.00 -41.56
CA LYS A 328 12.31 3.53 -41.54
C LYS A 328 12.75 3.33 -40.11
N LEU A 329 12.28 4.21 -39.23
CA LEU A 329 12.60 4.13 -37.81
C LEU A 329 12.00 2.87 -37.15
N VAL A 330 10.73 2.57 -37.37
CA VAL A 330 10.19 1.39 -36.74
C VAL A 330 10.37 0.05 -37.48
N HIS A 331 10.59 0.08 -38.80
CA HIS A 331 10.76 -1.17 -39.54
C HIS A 331 12.00 -1.23 -40.43
N GLY A 332 12.95 -0.32 -40.25
CA GLY A 332 14.15 -0.34 -41.06
C GLY A 332 13.97 -0.10 -42.55
N ARG A 333 15.06 -0.09 -43.29
CA ARG A 333 15.02 0.13 -44.74
C ARG A 333 14.15 -0.90 -45.42
N GLU A 334 14.33 -2.16 -45.04
CA GLU A 334 13.58 -3.24 -45.63
C GLU A 334 12.08 -2.94 -45.55
N GLY A 335 11.64 -2.51 -44.36
CA GLY A 335 10.24 -2.19 -44.16
C GLY A 335 9.80 -0.96 -44.95
N LEU A 336 10.66 0.05 -45.01
CA LEU A 336 10.37 1.26 -45.76
C LEU A 336 10.15 0.86 -47.22
N ASP A 337 11.05 0.03 -47.74
CA ASP A 337 11.00 -0.42 -49.12
C ASP A 337 9.71 -1.16 -49.47
N SER A 338 9.33 -2.13 -48.64
CA SER A 338 8.10 -2.82 -48.97
C SER A 338 6.97 -1.79 -48.88
N ALA A 339 7.04 -0.90 -47.89
CA ALA A 339 6.01 0.11 -47.73
C ALA A 339 5.82 1.00 -48.96
N LYS A 340 6.91 1.49 -49.52
CA LYS A 340 6.80 2.35 -50.69
C LYS A 340 6.39 1.54 -51.92
N ARG A 341 7.04 0.40 -52.13
CA ARG A 341 6.75 -0.44 -53.28
C ARG A 341 5.29 -0.87 -53.30
N CYS A 342 4.73 -1.14 -52.12
CA CYS A 342 3.34 -1.54 -52.02
C CYS A 342 2.41 -0.38 -52.37
N THR A 343 2.70 0.81 -51.84
CA THR A 343 1.84 1.96 -52.11
C THR A 343 1.92 2.32 -53.58
N GLN A 344 3.13 2.26 -54.15
CA GLN A 344 3.34 2.57 -55.55
C GLN A 344 2.57 1.61 -56.46
N ALA A 345 2.76 0.32 -56.22
CA ALA A 345 2.08 -0.71 -57.02
C ALA A 345 0.60 -0.41 -57.09
N LEU A 346 0.04 0.06 -55.99
CA LEU A 346 -1.38 0.34 -55.91
C LEU A 346 -1.78 1.71 -56.42
N GLY B 10 -26.36 -16.83 27.71
CA GLY B 10 -25.55 -16.66 26.45
C GLY B 10 -24.28 -15.89 26.71
N LEU B 11 -23.17 -16.39 26.18
CA LEU B 11 -21.87 -15.76 26.35
C LEU B 11 -21.88 -14.24 26.13
N LEU B 12 -22.42 -13.79 25.00
CA LEU B 12 -22.47 -12.36 24.69
C LEU B 12 -23.23 -11.52 25.73
N ALA B 13 -24.39 -12.01 26.16
CA ALA B 13 -25.17 -11.29 27.15
C ALA B 13 -24.39 -11.19 28.46
N ALA B 14 -23.81 -12.30 28.90
CA ALA B 14 -23.04 -12.32 30.14
C ALA B 14 -21.91 -11.29 30.11
N GLN B 15 -21.07 -11.33 29.08
CA GLN B 15 -19.95 -10.39 28.99
C GLN B 15 -20.42 -8.96 28.82
N LYS B 16 -21.59 -8.79 28.22
CA LYS B 16 -22.14 -7.45 28.05
C LYS B 16 -22.55 -6.98 29.45
N ALA B 17 -23.06 -7.92 30.25
CA ALA B 17 -23.48 -7.65 31.61
C ALA B 17 -22.31 -7.16 32.45
N ARG B 18 -21.14 -7.78 32.27
CA ARG B 18 -19.96 -7.37 33.04
C ARG B 18 -19.39 -6.05 32.52
N GLY B 19 -19.77 -5.68 31.31
CA GLY B 19 -19.22 -4.46 30.72
C GLY B 19 -18.00 -4.78 29.86
N LEU B 20 -17.60 -6.05 29.80
CA LEU B 20 -16.41 -6.42 29.02
C LEU B 20 -16.65 -6.36 27.51
N PHE B 21 -17.75 -6.96 27.05
CA PHE B 21 -18.06 -6.91 25.62
C PHE B 21 -19.03 -5.76 25.45
N LYS B 22 -18.47 -4.61 25.09
CA LYS B 22 -19.25 -3.41 24.93
C LYS B 22 -20.02 -3.36 23.62
N ASP B 23 -19.54 -4.04 22.59
CA ASP B 23 -20.21 -4.00 21.28
C ASP B 23 -19.81 -5.22 20.46
N PHE B 24 -20.68 -5.65 19.54
CA PHE B 24 -20.39 -6.76 18.66
C PHE B 24 -21.18 -6.48 17.40
N PHE B 25 -20.67 -6.90 16.25
CA PHE B 25 -21.34 -6.59 15.01
C PHE B 25 -20.86 -7.50 13.89
N PRO B 26 -21.67 -7.70 12.82
CA PRO B 26 -23.00 -7.17 12.52
C PRO B 26 -24.05 -7.66 13.50
N GLU B 27 -25.02 -6.80 13.79
CA GLU B 27 -26.10 -7.09 14.71
C GLU B 27 -27.14 -8.02 14.10
N THR B 28 -27.49 -7.77 12.85
CA THR B 28 -28.48 -8.58 12.13
C THR B 28 -28.16 -8.53 10.64
N GLY B 29 -28.98 -9.20 9.84
CA GLY B 29 -28.75 -9.22 8.41
C GLY B 29 -27.74 -10.28 8.03
N THR B 30 -27.61 -11.29 8.88
CA THR B 30 -26.67 -12.38 8.67
C THR B 30 -27.36 -13.75 8.75
N LYS B 31 -26.96 -14.69 7.89
CA LYS B 31 -27.55 -16.03 7.87
C LYS B 31 -27.69 -16.60 9.28
N ILE B 32 -26.65 -16.40 10.08
CA ILE B 32 -26.63 -16.86 11.46
C ILE B 32 -26.03 -15.72 12.28
N GLU B 33 -26.68 -15.37 13.39
CA GLU B 33 -26.20 -14.28 14.25
C GLU B 33 -25.07 -14.75 15.20
N LEU B 34 -24.27 -13.80 15.68
CA LEU B 34 -23.15 -14.14 16.54
C LEU B 34 -23.54 -15.06 17.69
N PRO B 35 -24.59 -14.70 18.46
CA PRO B 35 -25.02 -15.53 19.59
C PRO B 35 -25.21 -17.03 19.25
N GLU B 36 -25.89 -17.33 18.15
CA GLU B 36 -26.11 -18.72 17.76
C GLU B 36 -24.83 -19.39 17.26
N LEU B 37 -23.93 -18.60 16.70
CA LEU B 37 -22.65 -19.12 16.24
C LEU B 37 -21.87 -19.57 17.49
N PHE B 38 -22.00 -18.81 18.57
CA PHE B 38 -21.32 -19.18 19.81
C PHE B 38 -22.05 -20.34 20.53
N ASP B 39 -23.36 -20.44 20.31
CA ASP B 39 -24.19 -21.47 20.90
C ASP B 39 -23.62 -22.89 20.65
N ARG B 40 -23.52 -23.70 21.69
CA ARG B 40 -23.02 -25.07 21.58
C ARG B 40 -23.99 -25.97 20.81
N GLY B 41 -25.28 -25.67 20.92
CA GLY B 41 -26.30 -26.47 20.27
C GLY B 41 -26.68 -26.18 18.84
N THR B 42 -26.68 -24.91 18.43
CA THR B 42 -27.05 -24.57 17.06
C THR B 42 -25.87 -24.24 16.16
N ALA B 43 -26.04 -24.45 14.86
CA ALA B 43 -24.98 -24.17 13.91
C ALA B 43 -23.68 -24.85 14.32
N SER B 44 -22.55 -24.27 13.94
CA SER B 44 -21.26 -24.85 14.27
C SER B 44 -20.82 -24.55 15.69
N PHE B 45 -19.79 -25.25 16.12
CA PHE B 45 -19.22 -25.08 17.45
C PHE B 45 -17.97 -25.97 17.47
N PRO B 46 -16.85 -25.48 18.01
CA PRO B 46 -16.70 -24.16 18.61
C PRO B 46 -16.25 -23.14 17.55
N GLN B 47 -16.35 -21.85 17.86
CA GLN B 47 -15.90 -20.81 16.93
C GLN B 47 -14.44 -20.50 17.21
N THR B 48 -13.80 -19.73 16.33
CA THR B 48 -12.41 -19.33 16.52
C THR B 48 -12.40 -17.79 16.48
N ILE B 49 -11.80 -17.18 17.51
CA ILE B 49 -11.75 -15.73 17.66
C ILE B 49 -10.31 -15.30 17.86
N TYR B 50 -9.92 -14.17 17.26
CA TYR B 50 -8.56 -13.70 17.47
C TYR B 50 -8.50 -12.23 17.92
N CYS B 51 -7.40 -11.88 18.56
CA CYS B 51 -7.16 -10.51 18.95
C CYS B 51 -5.67 -10.20 18.67
N GLY B 52 -5.41 -9.07 18.03
CA GLY B 52 -4.03 -8.71 17.73
C GLY B 52 -3.37 -7.83 18.81
N PHE B 53 -2.08 -8.06 19.02
CA PHE B 53 -1.28 -7.31 20.01
C PHE B 53 0.02 -6.92 19.29
N ASP B 54 0.28 -5.62 19.15
CA ASP B 54 1.48 -5.17 18.45
C ASP B 54 2.66 -4.99 19.41
N PRO B 55 3.78 -5.66 19.14
CA PRO B 55 4.98 -5.56 20.01
C PRO B 55 5.73 -4.23 19.82
N THR B 56 5.10 -3.12 20.18
CA THR B 56 5.75 -1.82 20.05
C THR B 56 6.64 -1.66 21.29
N ALA B 57 6.42 -2.51 22.27
CA ALA B 57 7.19 -2.57 23.50
C ALA B 57 7.45 -4.05 23.74
N ASP B 58 8.41 -4.36 24.60
CA ASP B 58 8.74 -5.77 24.85
C ASP B 58 7.89 -6.34 25.99
N SER B 59 6.71 -5.78 26.17
CA SER B 59 5.82 -6.23 27.22
C SER B 59 4.40 -5.75 26.99
N LEU B 60 3.44 -6.52 27.48
CA LEU B 60 2.05 -6.11 27.42
C LEU B 60 1.89 -5.22 28.65
N HIS B 61 0.78 -4.51 28.73
CA HIS B 61 0.52 -3.70 29.90
C HIS B 61 -0.93 -3.91 30.27
N VAL B 62 -1.35 -3.30 31.38
CA VAL B 62 -2.70 -3.45 31.88
C VAL B 62 -3.85 -3.22 30.87
N GLY B 63 -3.65 -2.32 29.92
CA GLY B 63 -4.70 -2.07 28.94
C GLY B 63 -4.87 -3.29 28.04
N HIS B 64 -3.74 -3.88 27.62
CA HIS B 64 -3.80 -5.06 26.76
C HIS B 64 -4.52 -6.22 27.45
N LEU B 65 -4.45 -6.21 28.77
CA LEU B 65 -5.03 -7.27 29.55
C LEU B 65 -6.55 -7.44 29.34
N LEU B 66 -7.24 -6.32 29.16
CA LEU B 66 -8.69 -6.37 28.97
C LEU B 66 -9.01 -7.16 27.70
N ALA B 67 -8.27 -6.89 26.63
CA ALA B 67 -8.44 -7.58 25.36
C ALA B 67 -8.13 -9.06 25.56
N LEU B 68 -7.08 -9.35 26.32
CA LEU B 68 -6.69 -10.73 26.57
C LEU B 68 -7.80 -11.41 27.38
N LEU B 69 -8.33 -10.69 28.36
CA LEU B 69 -9.42 -11.23 29.20
C LEU B 69 -10.62 -11.56 28.33
N GLY B 70 -10.87 -10.76 27.29
CA GLY B 70 -11.98 -11.07 26.39
C GLY B 70 -11.77 -12.45 25.76
N LEU B 71 -10.56 -12.71 25.27
CA LEU B 71 -10.28 -14.01 24.68
C LEU B 71 -10.50 -15.12 25.72
N PHE B 72 -9.98 -14.92 26.94
CA PHE B 72 -10.10 -15.91 28.01
C PHE B 72 -11.55 -16.30 28.29
N HIS B 73 -12.42 -15.29 28.33
CA HIS B 73 -13.83 -15.54 28.55
C HIS B 73 -14.38 -16.39 27.41
N LEU B 74 -13.98 -16.08 26.17
CA LEU B 74 -14.46 -16.87 25.04
C LEU B 74 -13.91 -18.30 25.11
N GLN B 75 -12.66 -18.42 25.54
CA GLN B 75 -12.02 -19.71 25.63
C GLN B 75 -12.63 -20.58 26.72
N ARG B 76 -13.10 -19.96 27.79
CA ARG B 76 -13.69 -20.70 28.90
C ARG B 76 -15.03 -21.29 28.50
N ALA B 77 -15.69 -20.64 27.54
CA ALA B 77 -16.98 -21.09 27.03
C ALA B 77 -16.82 -22.16 25.95
N GLY B 78 -15.59 -22.65 25.76
CA GLY B 78 -15.37 -23.69 24.78
C GLY B 78 -14.83 -23.34 23.39
N HIS B 79 -14.60 -22.05 23.12
CA HIS B 79 -14.09 -21.63 21.82
C HIS B 79 -12.59 -21.58 21.70
N ASN B 80 -12.09 -21.66 20.48
CA ASN B 80 -10.66 -21.59 20.25
C ASN B 80 -10.29 -20.13 20.10
N VAL B 81 -9.16 -19.76 20.70
CA VAL B 81 -8.73 -18.37 20.69
C VAL B 81 -7.31 -18.24 20.20
N ILE B 82 -7.06 -17.19 19.42
CA ILE B 82 -5.74 -16.93 18.88
C ILE B 82 -5.28 -15.56 19.35
N ALA B 83 -4.07 -15.48 19.89
CA ALA B 83 -3.49 -14.23 20.32
C ALA B 83 -2.44 -13.97 19.23
N LEU B 84 -2.69 -12.97 18.38
CA LEU B 84 -1.80 -12.64 17.30
C LEU B 84 -0.78 -11.57 17.67
N VAL B 85 0.51 -11.87 17.54
CA VAL B 85 1.52 -10.86 17.82
C VAL B 85 1.83 -10.23 16.46
N GLY B 86 1.61 -8.92 16.37
CA GLY B 86 1.84 -8.21 15.12
C GLY B 86 3.29 -7.88 14.85
N GLY B 87 4.11 -8.91 14.66
CA GLY B 87 5.52 -8.68 14.38
C GLY B 87 5.73 -7.85 13.13
N ALA B 88 4.81 -7.95 12.17
CA ALA B 88 4.92 -7.19 10.93
C ALA B 88 4.24 -5.81 11.09
N THR B 89 3.03 -5.81 11.65
CA THR B 89 2.28 -4.56 11.81
C THR B 89 2.96 -3.52 12.74
N ALA B 90 3.63 -4.00 13.78
CA ALA B 90 4.32 -3.11 14.71
C ALA B 90 5.45 -2.38 13.99
N ARG B 91 5.90 -2.91 12.86
CA ARG B 91 6.95 -2.24 12.10
C ARG B 91 6.44 -0.92 11.53
N LEU B 92 5.13 -0.84 11.33
CA LEU B 92 4.50 0.38 10.82
C LEU B 92 3.93 1.22 11.97
N GLY B 93 3.00 0.64 12.74
CA GLY B 93 2.38 1.35 13.83
C GLY B 93 0.93 1.70 13.53
N ASP B 94 0.03 1.28 14.40
CA ASP B 94 -1.40 1.53 14.24
C ASP B 94 -1.70 3.01 14.53
N PRO B 95 -2.30 3.73 13.56
CA PRO B 95 -2.61 5.15 13.79
C PRO B 95 -3.89 5.39 14.59
N SER B 96 -4.68 4.33 14.77
CA SER B 96 -5.95 4.40 15.49
C SER B 96 -5.91 5.17 16.81
N GLY B 97 -6.92 6.02 17.01
CA GLY B 97 -7.04 6.80 18.22
C GLY B 97 -5.88 7.72 18.56
N ARG B 98 -5.26 8.32 17.56
CA ARG B 98 -4.17 9.21 17.86
C ARG B 98 -3.99 10.31 16.83
N THR B 99 -3.20 11.31 17.19
CA THR B 99 -2.97 12.45 16.32
C THR B 99 -1.49 12.64 16.03
N LYS B 100 -0.64 11.89 16.73
CA LYS B 100 0.80 12.00 16.54
C LYS B 100 1.37 10.80 15.79
N GLU B 101 2.25 11.09 14.83
CA GLU B 101 2.89 10.06 14.02
C GLU B 101 4.02 9.41 14.83
N ARG B 102 3.79 8.19 15.28
CA ARG B 102 4.77 7.44 16.06
C ARG B 102 6.09 7.27 15.31
N GLU B 103 7.19 7.38 16.04
CA GLU B 103 8.50 7.24 15.43
C GLU B 103 8.91 5.77 15.49
N ALA B 104 8.77 5.11 14.34
CA ALA B 104 9.07 3.70 14.15
C ALA B 104 10.36 3.22 14.81
N LEU B 105 10.36 1.96 15.23
CA LEU B 105 11.51 1.35 15.87
C LEU B 105 12.26 0.49 14.87
N GLU B 106 13.43 0.01 15.26
CA GLU B 106 14.23 -0.81 14.37
C GLU B 106 13.64 -2.22 14.20
N THR B 107 13.83 -2.78 13.02
CA THR B 107 13.35 -4.11 12.71
C THR B 107 13.77 -5.10 13.79
N GLU B 108 15.05 -5.03 14.15
CA GLU B 108 15.65 -5.90 15.16
C GLU B 108 14.95 -5.74 16.50
N ARG B 109 14.67 -4.51 16.88
CA ARG B 109 13.97 -4.24 18.13
C ARG B 109 12.54 -4.83 18.08
N VAL B 110 11.84 -4.60 16.97
CA VAL B 110 10.50 -5.15 16.82
C VAL B 110 10.53 -6.69 16.90
N ARG B 111 11.50 -7.32 16.24
CA ARG B 111 11.65 -8.77 16.28
C ARG B 111 11.84 -9.32 17.71
N ALA B 112 12.61 -8.59 18.52
CA ALA B 112 12.87 -9.00 19.91
C ALA B 112 11.60 -8.78 20.73
N ASN B 113 10.91 -7.65 20.51
CA ASN B 113 9.67 -7.38 21.22
C ASN B 113 8.67 -8.50 20.93
N ALA B 114 8.51 -8.83 19.65
CA ALA B 114 7.57 -9.87 19.25
C ALA B 114 7.84 -11.18 19.97
N ARG B 115 9.12 -11.53 20.15
CA ARG B 115 9.47 -12.77 20.83
C ARG B 115 9.09 -12.69 22.30
N ALA B 116 9.38 -11.55 22.92
CA ALA B 116 9.04 -11.36 24.33
C ALA B 116 7.52 -11.45 24.51
N LEU B 117 6.77 -10.84 23.58
CA LEU B 117 5.31 -10.86 23.65
C LEU B 117 4.76 -12.26 23.56
N ARG B 118 5.27 -13.06 22.63
CA ARG B 118 4.81 -14.43 22.48
C ARG B 118 4.95 -15.13 23.83
N LEU B 119 6.06 -14.84 24.51
CA LEU B 119 6.35 -15.42 25.82
C LEU B 119 5.42 -14.87 26.90
N GLY B 120 5.15 -13.58 26.86
CA GLY B 120 4.27 -12.98 27.84
C GLY B 120 2.85 -13.51 27.69
N LEU B 121 2.40 -13.69 26.46
CA LEU B 121 1.05 -14.19 26.23
C LEU B 121 0.90 -15.64 26.69
N GLU B 122 1.88 -16.48 26.40
CA GLU B 122 1.81 -17.88 26.82
C GLU B 122 1.89 -18.00 28.35
N ALA B 123 2.57 -17.06 28.99
CA ALA B 123 2.69 -17.07 30.44
C ALA B 123 1.33 -16.74 31.08
N LEU B 124 0.62 -15.79 30.52
CA LEU B 124 -0.68 -15.43 31.06
C LEU B 124 -1.65 -16.59 30.84
N ALA B 125 -1.58 -17.19 29.66
CA ALA B 125 -2.48 -18.30 29.35
C ALA B 125 -2.23 -19.45 30.31
N ALA B 126 -0.95 -19.69 30.62
CA ALA B 126 -0.58 -20.74 31.54
C ALA B 126 -1.21 -20.46 32.91
N ASN B 127 -1.03 -19.24 33.41
CA ASN B 127 -1.59 -18.88 34.73
C ASN B 127 -3.10 -19.02 34.73
N HIS B 128 -3.71 -18.63 33.63
CA HIS B 128 -5.17 -18.70 33.48
C HIS B 128 -5.65 -20.15 33.61
N GLN B 129 -5.03 -21.05 32.85
CA GLN B 129 -5.44 -22.45 32.88
C GLN B 129 -5.14 -23.18 34.19
N GLN B 130 -4.02 -22.84 34.83
CA GLN B 130 -3.66 -23.50 36.07
C GLN B 130 -4.29 -22.90 37.33
N LEU B 131 -4.56 -21.59 37.32
CA LEU B 131 -5.12 -20.92 38.50
C LEU B 131 -6.58 -20.51 38.45
N PHE B 132 -7.21 -20.56 37.29
CA PHE B 132 -8.60 -20.13 37.23
C PHE B 132 -9.53 -21.13 36.57
N THR B 133 -9.34 -22.41 36.86
CA THR B 133 -10.19 -23.45 36.30
C THR B 133 -11.57 -23.31 36.88
N ASP B 134 -12.59 -23.62 36.10
CA ASP B 134 -13.96 -23.50 36.57
C ASP B 134 -14.78 -24.75 36.29
N GLY B 135 -14.10 -25.86 36.01
CA GLY B 135 -14.82 -27.10 35.76
C GLY B 135 -15.33 -27.33 34.34
N ARG B 136 -15.46 -26.29 33.52
CA ARG B 136 -15.94 -26.48 32.16
C ARG B 136 -14.82 -26.90 31.22
N SER B 137 -15.20 -27.40 30.04
CA SER B 137 -14.20 -27.83 29.06
C SER B 137 -13.85 -26.63 28.17
N TRP B 138 -12.62 -26.13 28.31
CA TRP B 138 -12.15 -24.95 27.56
C TRP B 138 -11.63 -25.23 26.16
N GLY B 139 -11.63 -24.19 25.33
CA GLY B 139 -11.11 -24.33 23.98
C GLY B 139 -9.61 -24.12 24.05
N SER B 140 -8.94 -24.11 22.91
CA SER B 140 -7.49 -23.93 22.94
C SER B 140 -7.08 -22.45 22.88
N PHE B 141 -5.81 -22.20 23.20
CA PHE B 141 -5.22 -20.86 23.18
C PHE B 141 -3.95 -21.00 22.36
N THR B 142 -3.83 -20.19 21.32
CA THR B 142 -2.69 -20.27 20.41
C THR B 142 -2.14 -18.88 20.13
N VAL B 143 -0.82 -18.78 20.02
CA VAL B 143 -0.17 -17.51 19.69
C VAL B 143 0.40 -17.66 18.30
N LEU B 144 0.17 -16.68 17.44
CA LEU B 144 0.71 -16.70 16.08
C LEU B 144 1.33 -15.33 15.87
N ASP B 145 2.13 -15.18 14.83
CA ASP B 145 2.77 -13.91 14.56
C ASP B 145 2.50 -13.60 13.09
N ASN B 146 1.96 -12.43 12.76
CA ASN B 146 1.66 -12.17 11.36
C ASN B 146 2.92 -12.02 10.49
N SER B 147 4.08 -11.88 11.11
CA SER B 147 5.30 -11.81 10.30
C SER B 147 5.46 -13.19 9.62
N ALA B 148 4.83 -14.22 10.17
CA ALA B 148 4.90 -15.54 9.58
C ALA B 148 4.36 -15.54 8.13
N TRP B 149 3.26 -14.84 7.86
CA TRP B 149 2.78 -14.82 6.48
C TRP B 149 3.28 -13.61 5.69
N TYR B 150 3.51 -12.47 6.35
CA TYR B 150 3.98 -11.31 5.58
C TYR B 150 5.39 -11.46 5.04
N GLN B 151 6.24 -12.21 5.74
CA GLN B 151 7.60 -12.40 5.25
C GLN B 151 7.64 -13.12 3.91
N LYS B 152 6.52 -13.71 3.50
CA LYS B 152 6.44 -14.41 2.22
C LYS B 152 5.57 -13.62 1.24
N GLN B 153 5.28 -12.36 1.56
CA GLN B 153 4.43 -11.55 0.69
C GLN B 153 5.21 -10.48 -0.01
N HIS B 154 5.32 -10.57 -1.33
CA HIS B 154 6.04 -9.52 -2.02
C HIS B 154 5.08 -8.37 -2.29
N LEU B 155 5.62 -7.17 -2.28
CA LEU B 155 4.84 -5.95 -2.51
C LEU B 155 3.83 -5.99 -3.66
N VAL B 156 4.32 -6.20 -4.88
CA VAL B 156 3.44 -6.23 -6.03
C VAL B 156 2.50 -7.41 -6.09
N ASP B 157 2.97 -8.58 -5.67
CA ASP B 157 2.09 -9.74 -5.67
C ASP B 157 0.92 -9.41 -4.74
N PHE B 158 1.19 -8.75 -3.63
CA PHE B 158 0.12 -8.44 -2.70
C PHE B 158 -0.91 -7.47 -3.31
N LEU B 159 -0.43 -6.35 -3.85
CA LEU B 159 -1.30 -5.36 -4.46
C LEU B 159 -2.10 -5.96 -5.61
N ALA B 160 -1.47 -6.80 -6.40
CA ALA B 160 -2.17 -7.44 -7.51
C ALA B 160 -3.24 -8.42 -7.01
N ALA B 161 -2.90 -9.17 -5.97
CA ALA B 161 -3.82 -10.18 -5.43
C ALA B 161 -5.05 -9.65 -4.71
N VAL B 162 -4.87 -8.64 -3.88
CA VAL B 162 -5.99 -8.12 -3.11
C VAL B 162 -6.18 -6.61 -3.26
N GLY B 163 -5.27 -5.98 -3.97
CA GLY B 163 -5.36 -4.53 -4.16
C GLY B 163 -6.64 -4.09 -4.81
N GLY B 164 -7.19 -4.91 -5.69
CA GLY B 164 -8.42 -4.57 -6.36
C GLY B 164 -9.66 -4.75 -5.49
N HIS B 165 -9.56 -5.50 -4.39
CA HIS B 165 -10.72 -5.71 -3.56
C HIS B 165 -10.87 -4.72 -2.43
N PHE B 166 -9.84 -3.93 -2.20
CA PHE B 166 -9.91 -2.90 -1.20
C PHE B 166 -10.31 -1.64 -1.95
N ARG B 167 -11.37 -0.99 -1.50
CA ARG B 167 -11.83 0.24 -2.14
C ARG B 167 -11.43 1.48 -1.32
N MET B 168 -10.79 2.43 -1.99
CA MET B 168 -10.37 3.67 -1.36
C MET B 168 -11.51 4.33 -0.59
N GLY B 169 -12.73 4.21 -1.10
CA GLY B 169 -13.87 4.82 -0.43
C GLY B 169 -14.10 4.33 0.99
N THR B 170 -14.23 3.02 1.15
CA THR B 170 -14.42 2.43 2.45
C THR B 170 -13.20 2.64 3.33
N LEU B 171 -12.01 2.56 2.73
CA LEU B 171 -10.76 2.74 3.47
C LEU B 171 -10.61 4.18 4.00
N LEU B 172 -11.00 5.15 3.18
CA LEU B 172 -10.92 6.58 3.55
C LEU B 172 -12.01 6.98 4.56
N SER B 173 -13.10 6.22 4.59
CA SER B 173 -14.23 6.49 5.49
C SER B 173 -14.04 6.21 6.99
N ARG B 174 -13.18 5.26 7.37
CA ARG B 174 -12.97 4.97 8.79
C ARG B 174 -12.71 6.25 9.60
N GLN B 175 -13.50 6.44 10.64
CA GLN B 175 -13.39 7.62 11.50
C GLN B 175 -11.94 7.84 11.90
N SER B 176 -11.31 6.81 12.45
CA SER B 176 -9.90 6.92 12.85
C SER B 176 -9.09 7.55 11.73
N VAL B 177 -9.26 7.03 10.52
CA VAL B 177 -8.56 7.53 9.35
C VAL B 177 -8.98 8.96 8.99
N GLN B 178 -10.27 9.26 9.08
CA GLN B 178 -10.76 10.61 8.77
C GLN B 178 -10.23 11.63 9.78
N LEU B 179 -9.96 11.15 11.00
CA LEU B 179 -9.44 11.99 12.08
C LEU B 179 -7.99 12.42 11.79
N ARG B 180 -7.15 11.46 11.39
CA ARG B 180 -5.75 11.73 11.08
C ARG B 180 -5.58 12.60 9.83
N LEU B 181 -6.40 12.35 8.81
CA LEU B 181 -6.32 13.10 7.57
C LEU B 181 -6.66 14.57 7.82
N LYS B 182 -7.46 14.83 8.85
CA LYS B 182 -7.85 16.19 9.19
C LYS B 182 -6.80 16.90 10.05
N SER B 183 -6.27 16.19 11.05
CA SER B 183 -5.26 16.76 11.95
C SER B 183 -4.22 17.57 11.15
N PRO B 184 -3.64 18.59 11.78
CA PRO B 184 -2.63 19.43 11.11
C PRO B 184 -1.42 18.62 10.64
N GLU B 185 -1.13 17.55 11.34
CA GLU B 185 0.01 16.69 10.99
C GLU B 185 -0.29 15.83 9.75
N GLY B 186 -1.56 15.55 9.51
CA GLY B 186 -1.92 14.75 8.35
C GLY B 186 -1.77 13.26 8.55
N MET B 187 -1.34 12.55 7.51
CA MET B 187 -1.21 11.10 7.61
C MET B 187 -0.29 10.52 6.55
N SER B 188 0.61 9.64 6.96
CA SER B 188 1.54 9.02 6.04
C SER B 188 0.88 7.82 5.31
N LEU B 189 1.52 7.37 4.24
CA LEU B 189 1.01 6.24 3.48
C LEU B 189 1.03 5.00 4.35
N ALA B 190 2.09 4.83 5.12
CA ALA B 190 2.22 3.65 5.97
C ALA B 190 1.13 3.56 7.05
N GLU B 191 0.74 4.70 7.62
CA GLU B 191 -0.30 4.69 8.65
C GLU B 191 -1.64 4.34 8.00
N PHE B 192 -1.84 4.82 6.78
CA PHE B 192 -3.05 4.56 6.02
C PHE B 192 -3.14 3.06 5.68
N PHE B 193 -2.01 2.49 5.26
CA PHE B 193 -1.94 1.10 4.87
C PHE B 193 -2.09 0.11 6.02
N TYR B 194 -1.81 0.57 7.25
CA TYR B 194 -1.90 -0.28 8.43
C TYR B 194 -3.21 -1.08 8.49
N GLN B 195 -4.33 -0.40 8.28
CA GLN B 195 -5.64 -1.05 8.33
C GLN B 195 -5.79 -2.13 7.25
N VAL B 196 -5.07 -2.02 6.15
CA VAL B 196 -5.12 -3.03 5.09
C VAL B 196 -4.45 -4.30 5.62
N LEU B 197 -3.35 -4.16 6.37
CA LEU B 197 -2.69 -5.34 6.92
C LEU B 197 -3.59 -6.02 7.95
N GLN B 198 -4.20 -5.25 8.85
CA GLN B 198 -5.08 -5.85 9.86
C GLN B 198 -6.28 -6.53 9.19
N ALA B 199 -6.76 -5.92 8.11
CA ALA B 199 -7.89 -6.47 7.40
C ALA B 199 -7.46 -7.80 6.75
N TYR B 200 -6.25 -7.81 6.18
CA TYR B 200 -5.75 -9.01 5.51
C TYR B 200 -5.52 -10.13 6.52
N ASP B 201 -5.00 -9.76 7.68
CA ASP B 201 -4.77 -10.71 8.76
C ASP B 201 -6.07 -11.47 9.04
N PHE B 202 -7.17 -10.72 9.14
CA PHE B 202 -8.47 -11.31 9.43
C PHE B 202 -8.84 -12.32 8.32
N TYR B 203 -8.72 -11.89 7.08
CA TYR B 203 -9.00 -12.75 5.94
C TYR B 203 -8.12 -14.00 6.01
N TYR B 204 -6.85 -13.81 6.31
CA TYR B 204 -5.95 -14.96 6.37
C TYR B 204 -6.33 -15.97 7.48
N LEU B 205 -6.67 -15.48 8.66
CA LEU B 205 -7.05 -16.38 9.73
C LEU B 205 -8.40 -17.03 9.43
N PHE B 206 -9.28 -16.29 8.79
CA PHE B 206 -10.56 -16.83 8.44
C PHE B 206 -10.36 -18.02 7.50
N GLN B 207 -9.60 -17.79 6.43
CA GLN B 207 -9.32 -18.83 5.45
C GLN B 207 -8.59 -20.03 6.04
N ARG B 208 -7.50 -19.77 6.77
CA ARG B 208 -6.71 -20.88 7.29
C ARG B 208 -7.23 -21.61 8.51
N TYR B 209 -7.82 -20.87 9.44
CA TYR B 209 -8.30 -21.47 10.67
C TYR B 209 -9.81 -21.44 10.84
N GLY B 210 -10.52 -20.85 9.88
CA GLY B 210 -11.96 -20.78 10.04
C GLY B 210 -12.32 -19.76 11.12
N CYS B 211 -11.42 -18.81 11.35
CA CYS B 211 -11.67 -17.78 12.36
C CYS B 211 -12.71 -16.78 11.87
N ARG B 212 -13.86 -16.71 12.54
CA ARG B 212 -14.92 -15.80 12.13
C ARG B 212 -15.14 -14.57 13.01
N VAL B 213 -14.35 -14.44 14.06
CA VAL B 213 -14.53 -13.31 14.95
C VAL B 213 -13.22 -12.70 15.32
N GLN B 214 -13.21 -11.37 15.37
CA GLN B 214 -12.03 -10.65 15.80
C GLN B 214 -12.41 -9.77 16.96
N LEU B 215 -11.59 -9.80 17.99
CA LEU B 215 -11.83 -9.00 19.16
C LEU B 215 -10.80 -7.90 19.28
N GLY B 216 -11.22 -6.78 19.84
CA GLY B 216 -10.30 -5.67 20.05
C GLY B 216 -10.88 -4.65 21.00
N GLY B 217 -10.08 -3.63 21.30
CA GLY B 217 -10.52 -2.55 22.17
C GLY B 217 -11.36 -1.64 21.28
N SER B 218 -12.15 -0.76 21.86
CA SER B 218 -13.01 0.08 21.04
C SER B 218 -12.29 0.88 19.96
N ASP B 219 -11.00 1.16 20.16
CA ASP B 219 -10.26 1.92 19.16
C ASP B 219 -10.03 1.07 17.91
N GLN B 220 -10.22 -0.25 18.01
CA GLN B 220 -10.02 -1.15 16.87
C GLN B 220 -11.26 -1.31 15.96
N LEU B 221 -12.35 -0.65 16.32
CA LEU B 221 -13.58 -0.75 15.54
C LEU B 221 -13.34 -0.57 14.03
N GLY B 222 -12.71 0.52 13.65
CA GLY B 222 -12.44 0.75 12.24
C GLY B 222 -11.63 -0.35 11.58
N ASN B 223 -10.53 -0.76 12.19
CA ASN B 223 -9.68 -1.81 11.64
C ASN B 223 -10.42 -3.14 11.51
N ILE B 224 -11.26 -3.46 12.49
CA ILE B 224 -12.00 -4.72 12.43
C ILE B 224 -13.04 -4.62 11.31
N MET B 225 -13.65 -3.45 11.18
CA MET B 225 -14.64 -3.20 10.13
C MET B 225 -13.99 -3.39 8.74
N SER B 226 -12.75 -2.92 8.57
CA SER B 226 -12.10 -3.09 7.27
C SER B 226 -11.95 -4.58 6.99
N GLY B 227 -11.66 -5.35 8.03
CA GLY B 227 -11.55 -6.80 7.84
C GLY B 227 -12.89 -7.34 7.37
N TYR B 228 -13.94 -7.02 8.11
CA TYR B 228 -15.29 -7.45 7.79
C TYR B 228 -15.68 -7.13 6.33
N GLU B 229 -15.44 -5.89 5.91
CA GLU B 229 -15.75 -5.46 4.54
C GLU B 229 -14.98 -6.27 3.50
N PHE B 230 -13.67 -6.37 3.70
CA PHE B 230 -12.82 -7.08 2.78
C PHE B 230 -13.27 -8.52 2.63
N ILE B 231 -13.48 -9.18 3.76
CA ILE B 231 -13.89 -10.58 3.74
C ILE B 231 -15.24 -10.78 3.06
N ASN B 232 -16.21 -9.96 3.45
CA ASN B 232 -17.56 -10.05 2.90
C ASN B 232 -17.48 -9.81 1.39
N LYS B 233 -16.84 -8.72 1.00
CA LYS B 233 -16.68 -8.36 -0.39
C LYS B 233 -16.10 -9.50 -1.21
N LEU B 234 -15.03 -10.11 -0.69
CA LEU B 234 -14.34 -11.18 -1.38
C LEU B 234 -14.96 -12.57 -1.33
N THR B 235 -15.55 -12.96 -0.20
CA THR B 235 -16.13 -14.31 -0.08
C THR B 235 -17.63 -14.36 0.03
N GLY B 236 -18.25 -13.23 0.39
CA GLY B 236 -19.69 -13.21 0.57
C GLY B 236 -20.00 -13.79 1.94
N GLU B 237 -18.94 -14.16 2.65
CA GLU B 237 -19.07 -14.76 3.97
C GLU B 237 -19.28 -13.73 5.08
N ASP B 238 -19.84 -14.16 6.21
CA ASP B 238 -20.08 -13.28 7.34
C ASP B 238 -19.09 -13.46 8.48
N VAL B 239 -18.43 -12.37 8.87
CA VAL B 239 -17.50 -12.40 9.99
C VAL B 239 -17.96 -11.33 10.97
N PHE B 240 -17.45 -11.41 12.20
CA PHE B 240 -17.87 -10.51 13.24
C PHE B 240 -16.74 -9.88 14.03
N GLY B 241 -17.09 -8.80 14.71
CA GLY B 241 -16.15 -8.11 15.56
C GLY B 241 -16.79 -7.95 16.93
N ILE B 242 -15.95 -7.85 17.95
CA ILE B 242 -16.37 -7.62 19.33
C ILE B 242 -15.36 -6.61 19.87
N THR B 243 -15.82 -5.59 20.59
CA THR B 243 -14.90 -4.62 21.18
C THR B 243 -15.05 -4.57 22.70
N VAL B 244 -13.95 -4.30 23.40
CA VAL B 244 -14.00 -4.19 24.85
C VAL B 244 -13.76 -2.72 25.16
N PRO B 245 -14.20 -2.25 26.34
CA PRO B 245 -14.04 -0.85 26.74
C PRO B 245 -12.58 -0.43 26.84
N LEU B 246 -12.31 0.84 26.57
CA LEU B 246 -10.94 1.34 26.70
C LEU B 246 -10.79 1.85 28.15
N ILE B 247 -9.71 1.45 28.80
CA ILE B 247 -9.43 1.87 30.17
C ILE B 247 -8.12 2.63 30.28
N THR B 248 -7.99 3.47 31.32
CA THR B 248 -6.76 4.24 31.51
C THR B 248 -5.60 3.41 32.11
N ALA B 262 2.43 4.01 32.71
CA ALA B 262 2.10 2.69 32.16
C ALA B 262 2.56 1.58 33.09
N VAL B 263 1.65 0.67 33.41
CA VAL B 263 1.99 -0.44 34.29
C VAL B 263 2.06 -1.73 33.48
N TRP B 264 3.29 -2.20 33.33
CA TRP B 264 3.62 -3.38 32.57
C TRP B 264 3.28 -4.71 33.23
N LEU B 265 3.13 -5.73 32.41
CA LEU B 265 2.82 -7.09 32.84
C LEU B 265 4.11 -7.91 32.97
N ASN B 266 5.20 -7.37 32.43
CA ASN B 266 6.48 -8.05 32.53
C ASN B 266 7.06 -7.73 33.92
N ARG B 267 7.34 -8.79 34.66
CA ARG B 267 7.87 -8.67 36.02
C ARG B 267 9.09 -7.76 36.21
N ASP B 268 10.07 -7.85 35.31
CA ASP B 268 11.26 -7.03 35.45
C ASP B 268 11.09 -5.57 35.00
N LYS B 269 9.91 -5.21 34.51
CA LYS B 269 9.66 -3.83 34.09
C LYS B 269 8.74 -3.21 35.14
N THR B 270 7.84 -4.03 35.65
CA THR B 270 6.91 -3.60 36.69
C THR B 270 6.81 -4.81 37.59
N SER B 271 7.19 -4.65 38.86
CA SER B 271 7.16 -5.77 39.81
C SER B 271 5.74 -6.15 40.22
N PRO B 272 5.56 -7.39 40.70
CA PRO B 272 4.23 -7.83 41.12
C PRO B 272 3.62 -6.83 42.11
N PHE B 273 4.43 -6.36 43.06
CA PHE B 273 3.96 -5.40 44.05
C PHE B 273 3.47 -4.14 43.39
N GLU B 274 4.24 -3.64 42.42
CA GLU B 274 3.87 -2.43 41.70
C GLU B 274 2.58 -2.65 40.94
N LEU B 275 2.44 -3.80 40.30
CA LEU B 275 1.21 -4.11 39.57
C LEU B 275 0.08 -4.11 40.59
N TYR B 276 0.29 -4.88 41.65
CA TYR B 276 -0.68 -5.00 42.73
C TYR B 276 -1.09 -3.62 43.21
N GLN B 277 -0.10 -2.74 43.37
CA GLN B 277 -0.37 -1.39 43.83
C GLN B 277 -1.28 -0.60 42.91
N PHE B 278 -1.00 -0.63 41.63
CA PHE B 278 -1.81 0.09 40.67
C PHE B 278 -3.31 -0.17 40.87
N PHE B 279 -3.64 -1.44 41.11
CA PHE B 279 -5.03 -1.83 41.29
C PHE B 279 -5.61 -1.54 42.67
N VAL B 280 -4.84 -1.79 43.71
CA VAL B 280 -5.31 -1.56 45.06
C VAL B 280 -5.49 -0.07 45.38
N ARG B 281 -4.77 0.80 44.69
CA ARG B 281 -4.89 2.23 44.93
C ARG B 281 -6.02 2.83 44.10
N GLN B 282 -6.76 1.99 43.40
CA GLN B 282 -7.88 2.44 42.58
C GLN B 282 -8.98 3.10 43.43
N PRO B 283 -9.56 4.19 42.93
CA PRO B 283 -10.63 4.92 43.60
C PRO B 283 -11.96 4.17 43.64
N ASP B 284 -12.67 4.29 44.76
CA ASP B 284 -13.93 3.60 44.96
C ASP B 284 -14.91 3.79 43.81
N ASP B 285 -14.92 4.99 43.25
CA ASP B 285 -15.82 5.30 42.15
C ASP B 285 -15.53 4.45 40.90
N SER B 286 -14.39 3.76 40.88
CA SER B 286 -14.02 2.95 39.71
C SER B 286 -13.78 1.49 40.04
N VAL B 287 -13.58 1.19 41.31
CA VAL B 287 -13.27 -0.17 41.72
C VAL B 287 -14.25 -1.23 41.27
N GLU B 288 -15.55 -0.98 41.36
CA GLU B 288 -16.52 -1.99 40.95
C GLU B 288 -16.42 -2.31 39.45
N ARG B 289 -16.22 -1.28 38.64
CA ARG B 289 -16.10 -1.51 37.22
C ARG B 289 -14.84 -2.33 36.96
N TYR B 290 -13.76 -2.02 37.66
CA TYR B 290 -12.54 -2.77 37.46
C TYR B 290 -12.71 -4.22 37.89
N LEU B 291 -13.45 -4.45 38.97
CA LEU B 291 -13.69 -5.80 39.42
C LEU B 291 -14.44 -6.57 38.31
N LYS B 292 -15.41 -5.93 37.68
CA LYS B 292 -16.15 -6.65 36.64
C LYS B 292 -15.32 -6.93 35.38
N LEU B 293 -14.54 -5.95 34.98
CA LEU B 293 -13.71 -6.01 33.79
C LEU B 293 -12.47 -6.87 33.93
N PHE B 294 -11.76 -6.74 35.06
CA PHE B 294 -10.52 -7.45 35.27
C PHE B 294 -10.53 -8.79 35.96
N THR B 295 -11.67 -9.22 36.48
CA THR B 295 -11.69 -10.50 37.18
C THR B 295 -12.76 -11.44 36.67
N PHE B 296 -12.75 -12.66 37.22
CA PHE B 296 -13.71 -13.69 36.84
C PHE B 296 -14.75 -13.87 37.94
N LEU B 297 -14.77 -12.97 38.92
CA LEU B 297 -15.75 -13.10 39.99
C LEU B 297 -17.19 -12.92 39.50
N PRO B 298 -18.10 -13.79 39.95
CA PRO B 298 -19.52 -13.70 39.55
C PRO B 298 -20.02 -12.32 39.96
N LEU B 299 -20.94 -11.75 39.19
CA LEU B 299 -21.46 -10.41 39.50
C LEU B 299 -22.14 -10.32 40.87
N PRO B 300 -22.89 -11.35 41.28
CA PRO B 300 -23.53 -11.23 42.59
C PRO B 300 -22.49 -11.03 43.69
N GLU B 301 -21.35 -11.69 43.55
CA GLU B 301 -20.29 -11.56 44.55
C GLU B 301 -19.73 -10.16 44.52
N ILE B 302 -19.51 -9.62 43.32
CA ILE B 302 -19.01 -8.27 43.19
C ILE B 302 -19.96 -7.29 43.87
N ASP B 303 -21.26 -7.51 43.70
CA ASP B 303 -22.24 -6.62 44.36
C ASP B 303 -22.08 -6.70 45.89
N HIS B 304 -21.98 -7.93 46.40
CA HIS B 304 -21.82 -8.13 47.84
C HIS B 304 -20.56 -7.43 48.34
N ILE B 305 -19.47 -7.55 47.60
CA ILE B 305 -18.22 -6.92 47.95
C ILE B 305 -18.39 -5.40 48.06
N MET B 306 -19.12 -4.79 47.12
CA MET B 306 -19.32 -3.34 47.15
C MET B 306 -20.19 -2.92 48.33
N GLN B 307 -21.11 -3.80 48.74
CA GLN B 307 -21.96 -3.48 49.87
C GLN B 307 -21.20 -3.53 51.21
N LEU B 308 -20.27 -4.46 51.35
CA LEU B 308 -19.48 -4.55 52.58
C LEU B 308 -18.56 -3.35 52.68
N HIS B 309 -18.12 -2.88 51.52
CA HIS B 309 -17.21 -1.76 51.46
C HIS B 309 -17.86 -0.43 51.84
N VAL B 310 -19.13 -0.25 51.50
CA VAL B 310 -19.83 0.98 51.85
C VAL B 310 -19.97 1.09 53.36
N LYS B 311 -19.91 -0.04 54.05
CA LYS B 311 -20.04 -0.05 55.50
C LYS B 311 -18.67 0.10 56.16
N GLU B 312 -17.66 -0.56 55.60
CA GLU B 312 -16.30 -0.50 56.16
C GLU B 312 -15.33 -0.01 55.10
N PRO B 313 -15.48 1.24 54.64
CA PRO B 313 -14.62 1.82 53.61
C PRO B 313 -13.12 1.68 53.85
N GLU B 314 -12.73 1.85 55.12
CA GLU B 314 -11.32 1.78 55.50
C GLU B 314 -10.65 0.47 55.11
N ARG B 315 -11.39 -0.64 55.17
CA ARG B 315 -10.83 -1.95 54.83
C ARG B 315 -10.36 -2.07 53.38
N ARG B 316 -10.90 -1.22 52.51
CA ARG B 316 -10.56 -1.25 51.08
C ARG B 316 -10.68 -2.68 50.54
N GLY B 317 -11.77 -3.35 50.90
CA GLY B 317 -11.99 -4.72 50.45
C GLY B 317 -12.01 -4.89 48.95
N PRO B 318 -12.82 -4.09 48.22
CA PRO B 318 -12.89 -4.19 46.77
C PRO B 318 -11.50 -4.10 46.15
N GLN B 319 -10.78 -3.03 46.47
CA GLN B 319 -9.45 -2.84 45.94
C GLN B 319 -8.51 -4.03 46.18
N LYS B 320 -8.50 -4.56 47.39
CA LYS B 320 -7.61 -5.69 47.68
C LYS B 320 -8.03 -6.96 46.94
N ARG B 321 -9.33 -7.14 46.79
CA ARG B 321 -9.83 -8.31 46.09
C ARG B 321 -9.39 -8.21 44.63
N LEU B 322 -9.53 -7.01 44.08
CA LEU B 322 -9.17 -6.74 42.69
C LEU B 322 -7.69 -6.94 42.47
N ALA B 323 -6.88 -6.38 43.36
CA ALA B 323 -5.44 -6.49 43.25
C ALA B 323 -4.96 -7.93 43.33
N ALA B 324 -5.55 -8.72 44.21
CA ALA B 324 -5.16 -10.12 44.35
C ALA B 324 -5.51 -10.93 43.11
N GLU B 325 -6.72 -10.73 42.58
CA GLU B 325 -7.15 -11.49 41.40
C GLU B 325 -6.25 -11.29 40.20
N VAL B 326 -5.97 -10.03 39.90
CA VAL B 326 -5.15 -9.72 38.75
C VAL B 326 -3.69 -10.06 38.96
N THR B 327 -3.17 -9.82 40.16
CA THR B 327 -1.77 -10.12 40.38
C THR B 327 -1.55 -11.62 40.19
N LYS B 328 -2.51 -12.42 40.65
CA LYS B 328 -2.39 -13.86 40.52
C LYS B 328 -2.45 -14.33 39.07
N LEU B 329 -3.24 -13.62 38.25
CA LEU B 329 -3.35 -13.97 36.85
C LEU B 329 -2.12 -13.54 36.07
N VAL B 330 -1.54 -12.41 36.47
CA VAL B 330 -0.37 -11.90 35.78
C VAL B 330 0.93 -12.52 36.27
N HIS B 331 1.03 -12.77 37.57
CA HIS B 331 2.27 -13.33 38.13
C HIS B 331 2.15 -14.63 38.92
N GLY B 332 1.01 -15.29 38.84
CA GLY B 332 0.83 -16.54 39.57
C GLY B 332 0.76 -16.32 41.08
N ARG B 333 0.62 -17.43 41.82
CA ARG B 333 0.54 -17.38 43.28
C ARG B 333 1.79 -16.81 43.90
N GLU B 334 2.94 -17.16 43.34
CA GLU B 334 4.22 -16.68 43.83
C GLU B 334 4.22 -15.16 43.78
N GLY B 335 3.78 -14.62 42.66
CA GLY B 335 3.76 -13.16 42.50
C GLY B 335 2.84 -12.49 43.49
N LEU B 336 1.68 -13.08 43.71
CA LEU B 336 0.72 -12.51 44.64
C LEU B 336 1.26 -12.53 46.08
N ASP B 337 1.93 -13.62 46.45
CA ASP B 337 2.48 -13.76 47.80
C ASP B 337 3.53 -12.68 48.06
N SER B 338 4.42 -12.51 47.10
CA SER B 338 5.46 -11.51 47.21
C SER B 338 4.76 -10.16 47.34
N ALA B 339 3.75 -9.96 46.52
CA ALA B 339 3.01 -8.70 46.54
C ALA B 339 2.41 -8.47 47.91
N LYS B 340 1.86 -9.54 48.51
CA LYS B 340 1.25 -9.44 49.82
C LYS B 340 2.29 -9.21 50.91
N ARG B 341 3.45 -9.83 50.78
CA ARG B 341 4.52 -9.62 51.77
C ARG B 341 4.83 -8.12 51.83
N CYS B 342 5.05 -7.51 50.67
CA CYS B 342 5.37 -6.10 50.59
C CYS B 342 4.25 -5.23 51.11
N THR B 343 3.02 -5.58 50.78
CA THR B 343 1.86 -4.82 51.22
C THR B 343 1.72 -4.87 52.75
N GLN B 344 1.98 -6.04 53.32
CA GLN B 344 1.93 -6.22 54.78
C GLN B 344 2.99 -5.35 55.44
N ALA B 345 4.22 -5.45 54.94
CA ALA B 345 5.35 -4.70 55.47
C ALA B 345 5.00 -3.22 55.62
N LEU B 346 4.38 -2.63 54.60
CA LEU B 346 4.01 -1.22 54.67
C LEU B 346 3.01 -0.90 55.78
#